data_4DMK
#
_entry.id   4DMK
#
_cell.length_a   168.678
_cell.length_b   84.032
_cell.length_c   89.278
_cell.angle_alpha   90.00
_cell.angle_beta   100.50
_cell.angle_gamma   90.00
#
_symmetry.space_group_name_H-M   'C 1 2 1'
#
loop_
_entity.id
_entity.type
_entity.pdbx_description
1 polymer 'Putative hydrolase'
2 non-polymer GLYCEROL
3 water water
#
_entity_poly.entity_id   1
_entity_poly.type   'polypeptide(L)'
_entity_poly.pdbx_seq_one_letter_code
;AEEFPVPNGFESAYREVDGVKLHYVKGGQGPLVMLVHGFGQTWYEWHQLMPELAKRFTVIAPDLPGLGQSEPPKTGYSGE
QVAVYLHKLARQFSPDRPFDLVAHDIGIWNTYPMVVKNQADIARLVYMEAPIPDARIYRFPAFTAQGESLVWHFSFFAAD
DRLAETLIAGKERFFLEHFIKSHASNTEVFSERLLDLYARSYAKPHSLNASFEYFRALNESVRQNAELAKTRLQMPTMTL
AGGGHGGMGTFQLEQMKAYAEDVEGHVLPGCGHWLPEECAAPMNRLVIDFLSRGRHHHHHH
;
_entity_poly.pdbx_strand_id   A,B,C,D
#
loop_
_chem_comp.id
_chem_comp.type
_chem_comp.name
_chem_comp.formula
GOL non-polymer GLYCEROL 'C3 H8 O3'
#
# COMPACT_ATOMS: atom_id res chain seq x y z
N ALA A 1 3.03 -31.79 -10.09
CA ALA A 1 2.29 -30.65 -9.55
C ALA A 1 3.24 -29.56 -9.06
N GLU A 2 3.10 -28.36 -9.62
CA GLU A 2 3.98 -27.25 -9.27
C GLU A 2 3.21 -26.06 -8.72
N GLU A 3 3.69 -25.52 -7.59
CA GLU A 3 3.06 -24.34 -6.99
C GLU A 3 3.28 -23.07 -7.80
N PHE A 4 4.41 -22.98 -8.50
CA PHE A 4 4.75 -21.80 -9.29
C PHE A 4 5.33 -22.23 -10.63
N PRO A 5 5.09 -21.43 -11.68
CA PRO A 5 5.56 -21.84 -13.01
C PRO A 5 7.07 -21.72 -13.16
N VAL A 6 7.68 -22.78 -13.68
CA VAL A 6 9.12 -22.82 -13.91
C VAL A 6 9.48 -22.03 -15.17
N PRO A 7 10.57 -21.24 -15.11
CA PRO A 7 11.00 -20.51 -16.31
C PRO A 7 11.43 -21.47 -17.41
N ASN A 8 11.26 -21.04 -18.66
CA ASN A 8 11.66 -21.89 -19.78
C ASN A 8 13.10 -22.33 -19.62
N GLY A 9 13.34 -23.63 -19.80
CA GLY A 9 14.69 -24.16 -19.75
C GLY A 9 15.17 -24.52 -18.36
N PHE A 10 14.32 -24.34 -17.37
CA PHE A 10 14.65 -24.75 -16.01
C PHE A 10 13.89 -26.03 -15.66
N GLU A 11 14.38 -26.76 -14.66
CA GLU A 11 13.67 -27.95 -14.20
C GLU A 11 13.31 -27.81 -12.73
N SER A 12 12.15 -28.35 -12.37
CA SER A 12 11.75 -28.46 -10.97
C SER A 12 12.07 -29.88 -10.52
N ALA A 13 12.81 -30.01 -9.43
CA ALA A 13 13.26 -31.32 -8.97
C ALA A 13 13.42 -31.34 -7.45
N TYR A 14 13.83 -32.49 -6.91
CA TYR A 14 13.99 -32.65 -5.47
C TYR A 14 15.28 -33.38 -5.16
N ARG A 15 15.88 -33.04 -4.03
CA ARG A 15 17.02 -33.79 -3.53
C ARG A 15 16.83 -34.08 -2.06
N GLU A 16 17.03 -35.35 -1.68
CA GLU A 16 16.99 -35.72 -0.28
C GLU A 16 18.31 -35.37 0.36
N VAL A 17 18.27 -34.56 1.41
CA VAL A 17 19.47 -34.13 2.13
C VAL A 17 19.23 -34.40 3.61
N ASP A 18 20.08 -35.24 4.20
CA ASP A 18 19.93 -35.63 5.60
C ASP A 18 18.50 -36.00 5.93
N GLY A 19 17.88 -36.80 5.07
CA GLY A 19 16.53 -37.29 5.30
C GLY A 19 15.39 -36.31 5.09
N VAL A 20 15.69 -35.15 4.51
CA VAL A 20 14.68 -34.15 4.23
C VAL A 20 14.63 -33.91 2.72
N LYS A 21 13.44 -34.02 2.14
CA LYS A 21 13.31 -33.83 0.71
CA LYS A 21 13.28 -33.83 0.71
C LYS A 21 13.17 -32.34 0.38
N LEU A 22 14.21 -31.79 -0.24
CA LEU A 22 14.22 -30.38 -0.61
C LEU A 22 13.81 -30.17 -2.07
N HIS A 23 12.89 -29.23 -2.29
CA HIS A 23 12.52 -28.85 -3.65
C HIS A 23 13.43 -27.74 -4.16
N TYR A 24 13.78 -27.78 -5.43
CA TYR A 24 14.53 -26.68 -6.01
C TYR A 24 14.21 -26.55 -7.48
N VAL A 25 14.52 -25.38 -8.03
CA VAL A 25 14.44 -25.15 -9.45
C VAL A 25 15.84 -24.83 -9.96
N LYS A 26 16.22 -25.45 -11.08
CA LYS A 26 17.59 -25.40 -11.55
C LYS A 26 17.68 -25.18 -13.06
N GLY A 27 18.65 -24.38 -13.49
CA GLY A 27 18.89 -24.19 -14.91
C GLY A 27 20.25 -23.57 -15.14
N GLY A 28 20.69 -23.57 -16.38
CA GLY A 28 21.94 -22.91 -16.73
C GLY A 28 23.16 -23.80 -16.74
N GLN A 29 24.30 -23.20 -17.04
CA GLN A 29 25.57 -23.90 -17.11
C GLN A 29 26.65 -23.00 -16.55
N GLY A 30 27.69 -23.61 -15.98
CA GLY A 30 28.79 -22.84 -15.42
C GLY A 30 28.87 -22.98 -13.91
N PRO A 31 29.67 -22.11 -13.27
CA PRO A 31 29.83 -22.15 -11.81
C PRO A 31 28.47 -22.01 -11.16
N LEU A 32 28.31 -22.57 -9.97
CA LEU A 32 27.01 -22.59 -9.31
C LEU A 32 26.71 -21.32 -8.52
N VAL A 33 25.48 -20.84 -8.66
CA VAL A 33 24.94 -19.79 -7.80
CA VAL A 33 24.95 -19.82 -7.78
C VAL A 33 23.67 -20.32 -7.15
N MET A 34 23.60 -20.25 -5.82
CA MET A 34 22.39 -20.65 -5.11
C MET A 34 21.66 -19.41 -4.64
N LEU A 35 20.35 -19.35 -4.95
CA LEU A 35 19.49 -18.23 -4.55
C LEU A 35 18.53 -18.71 -3.47
N VAL A 36 18.54 -18.05 -2.31
CA VAL A 36 17.73 -18.48 -1.17
C VAL A 36 16.70 -17.43 -0.75
N HIS A 37 15.43 -17.81 -0.87
CA HIS A 37 14.30 -16.92 -0.60
C HIS A 37 14.04 -16.68 0.89
N GLY A 38 13.03 -15.84 1.16
CA GLY A 38 12.70 -15.50 2.53
C GLY A 38 11.25 -15.74 2.90
N PHE A 39 10.87 -15.18 4.04
CA PHE A 39 9.52 -15.35 4.58
C PHE A 39 8.41 -14.81 3.68
N GLY A 40 7.33 -15.58 3.57
CA GLY A 40 6.17 -15.17 2.80
C GLY A 40 6.29 -15.60 1.34
N GLN A 41 7.45 -16.11 0.96
CA GLN A 41 7.71 -16.45 -0.43
C GLN A 41 8.37 -17.81 -0.59
N THR A 42 8.87 -18.09 -1.79
CA THR A 42 9.45 -19.38 -2.15
C THR A 42 10.51 -19.07 -3.19
N TRP A 43 11.04 -20.11 -3.82
CA TRP A 43 12.02 -19.96 -4.89
C TRP A 43 11.55 -18.97 -5.95
N TYR A 44 10.23 -18.84 -6.10
CA TYR A 44 9.64 -18.08 -7.19
C TYR A 44 10.02 -16.59 -7.16
N GLU A 45 10.38 -16.05 -6.00
CA GLU A 45 10.73 -14.63 -6.00
C GLU A 45 11.90 -14.37 -6.95
N TRP A 46 12.70 -15.40 -7.23
CA TRP A 46 13.88 -15.28 -8.07
C TRP A 46 13.64 -15.53 -9.55
N HIS A 47 12.39 -15.79 -9.95
CA HIS A 47 12.14 -16.31 -11.29
C HIS A 47 12.49 -15.34 -12.44
N GLN A 48 12.57 -14.04 -12.14
CA GLN A 48 12.95 -13.06 -13.17
C GLN A 48 14.47 -12.95 -13.31
N LEU A 49 15.15 -13.08 -12.18
CA LEU A 49 16.60 -13.03 -12.15
C LEU A 49 17.23 -14.31 -12.70
N MET A 50 16.57 -15.45 -12.45
CA MET A 50 17.12 -16.76 -12.82
C MET A 50 17.58 -16.94 -14.29
N PRO A 51 16.71 -16.61 -15.27
CA PRO A 51 17.10 -16.78 -16.67
C PRO A 51 18.32 -15.93 -17.06
N GLU A 52 18.46 -14.77 -16.44
CA GLU A 52 19.56 -13.87 -16.75
C GLU A 52 20.88 -14.43 -16.22
N LEU A 53 20.86 -14.90 -14.97
CA LEU A 53 22.03 -15.54 -14.38
C LEU A 53 22.39 -16.84 -15.09
N ALA A 54 21.39 -17.54 -15.60
CA ALA A 54 21.60 -18.85 -16.23
C ALA A 54 22.42 -18.77 -17.51
N LYS A 55 22.60 -17.55 -18.03
CA LYS A 55 23.40 -17.35 -19.23
C LYS A 55 24.89 -17.47 -18.94
N ARG A 56 25.24 -17.41 -17.65
CA ARG A 56 26.64 -17.43 -17.22
C ARG A 56 26.90 -18.44 -16.10
N PHE A 57 25.85 -18.86 -15.41
CA PHE A 57 25.99 -19.73 -14.24
C PHE A 57 25.03 -20.91 -14.27
N THR A 58 25.34 -21.95 -13.50
CA THR A 58 24.32 -22.92 -13.11
C THR A 58 23.60 -22.30 -11.91
N VAL A 59 22.28 -22.18 -12.01
CA VAL A 59 21.48 -21.51 -11.00
C VAL A 59 20.58 -22.53 -10.30
N ILE A 60 20.62 -22.55 -8.97
CA ILE A 60 19.70 -23.35 -8.19
C ILE A 60 18.98 -22.46 -7.17
N ALA A 61 17.66 -22.62 -7.10
CA ALA A 61 16.85 -21.88 -6.14
C ALA A 61 15.99 -22.86 -5.36
N PRO A 62 16.42 -23.19 -4.13
CA PRO A 62 15.65 -24.13 -3.31
C PRO A 62 14.52 -23.47 -2.54
N ASP A 63 13.54 -24.27 -2.17
CA ASP A 63 12.55 -23.87 -1.17
C ASP A 63 13.12 -24.19 0.20
N LEU A 64 13.04 -23.23 1.14
CA LEU A 64 13.50 -23.48 2.51
C LEU A 64 12.72 -24.63 3.13
N PRO A 65 13.38 -25.38 4.02
CA PRO A 65 12.67 -26.49 4.67
C PRO A 65 11.31 -26.08 5.23
N GLY A 66 10.29 -26.85 4.86
CA GLY A 66 8.94 -26.65 5.35
C GLY A 66 8.15 -25.67 4.50
N LEU A 67 8.84 -24.89 3.68
CA LEU A 67 8.20 -23.89 2.82
C LEU A 67 8.19 -24.34 1.36
N GLY A 68 7.34 -23.70 0.55
CA GLY A 68 7.22 -24.13 -0.83
C GLY A 68 6.95 -25.62 -0.86
N GLN A 69 7.73 -26.35 -1.65
CA GLN A 69 7.53 -27.80 -1.81
C GLN A 69 8.59 -28.63 -1.09
N SER A 70 9.30 -28.01 -0.15
CA SER A 70 10.31 -28.70 0.67
C SER A 70 9.74 -29.23 1.99
N GLU A 71 10.16 -30.43 2.36
CA GLU A 71 9.78 -30.99 3.64
C GLU A 71 10.37 -30.18 4.78
N PRO A 72 9.71 -30.20 5.95
CA PRO A 72 10.25 -29.54 7.14
C PRO A 72 11.59 -30.17 7.54
N PRO A 73 12.42 -29.40 8.26
CA PRO A 73 13.70 -29.93 8.73
C PRO A 73 13.44 -31.00 9.79
N LYS A 74 14.36 -31.94 9.90
CA LYS A 74 14.25 -32.98 10.92
C LYS A 74 15.00 -32.60 12.18
N THR A 75 15.98 -31.71 12.04
CA THR A 75 16.76 -31.27 13.19
C THR A 75 16.06 -30.11 13.90
N GLY A 76 15.97 -28.98 13.23
CA GLY A 76 15.31 -27.82 13.78
C GLY A 76 15.39 -26.64 12.84
N TYR A 77 14.88 -25.50 13.30
CA TYR A 77 14.73 -24.31 12.46
C TYR A 77 15.73 -23.20 12.75
N SER A 78 16.67 -23.44 13.66
CA SER A 78 17.70 -22.42 13.90
C SER A 78 18.60 -22.29 12.68
N GLY A 79 19.27 -21.15 12.56
CA GLY A 79 20.08 -20.88 11.39
C GLY A 79 21.13 -21.95 11.15
N GLU A 80 21.79 -22.38 12.22
CA GLU A 80 22.88 -23.34 12.08
C GLU A 80 22.34 -24.68 11.59
N GLN A 81 21.16 -25.06 12.09
CA GLN A 81 20.55 -26.32 11.69
C GLN A 81 20.10 -26.30 10.23
N VAL A 82 19.41 -25.23 9.83
CA VAL A 82 18.92 -25.15 8.47
C VAL A 82 20.06 -24.99 7.45
N ALA A 83 21.11 -24.28 7.86
CA ALA A 83 22.24 -24.04 6.97
C ALA A 83 22.92 -25.34 6.53
N VAL A 84 22.91 -26.36 7.40
CA VAL A 84 23.46 -27.65 7.01
C VAL A 84 22.77 -28.18 5.76
N TYR A 85 21.44 -28.10 5.73
CA TYR A 85 20.71 -28.63 4.58
C TYR A 85 21.07 -27.88 3.31
N LEU A 86 21.15 -26.55 3.39
CA LEU A 86 21.42 -25.74 2.21
C LEU A 86 22.87 -25.89 1.75
N HIS A 87 23.81 -25.98 2.69
CA HIS A 87 25.21 -26.18 2.33
C HIS A 87 25.40 -27.52 1.61
N LYS A 88 24.83 -28.57 2.18
CA LYS A 88 24.94 -29.89 1.57
C LYS A 88 24.27 -29.95 0.21
N LEU A 89 23.11 -29.30 0.07
CA LEU A 89 22.43 -29.24 -1.22
C LEU A 89 23.35 -28.62 -2.28
N ALA A 90 23.88 -27.44 -1.97
CA ALA A 90 24.74 -26.75 -2.94
C ALA A 90 25.95 -27.61 -3.29
N ARG A 91 26.54 -28.25 -2.28
CA ARG A 91 27.75 -29.01 -2.51
C ARG A 91 27.54 -30.29 -3.33
N GLN A 92 26.29 -30.76 -3.41
CA GLN A 92 25.98 -31.90 -4.28
C GLN A 92 26.16 -31.49 -5.74
N PHE A 93 25.88 -30.23 -6.04
CA PHE A 93 25.96 -29.72 -7.40
C PHE A 93 27.32 -29.07 -7.69
N SER A 94 28.02 -28.67 -6.65
CA SER A 94 29.35 -28.07 -6.80
C SER A 94 30.30 -28.67 -5.76
N PRO A 95 30.64 -29.96 -5.92
CA PRO A 95 31.45 -30.64 -4.90
C PRO A 95 32.93 -30.26 -4.91
N ASP A 96 33.42 -29.76 -6.03
CA ASP A 96 34.87 -29.52 -6.22
C ASP A 96 35.23 -28.04 -6.35
N ARG A 97 34.23 -27.17 -6.32
CA ARG A 97 34.45 -25.74 -6.54
C ARG A 97 33.59 -24.93 -5.58
N PRO A 98 34.07 -23.74 -5.18
CA PRO A 98 33.20 -22.85 -4.41
C PRO A 98 32.04 -22.37 -5.28
N PHE A 99 30.94 -22.02 -4.63
CA PHE A 99 29.76 -21.53 -5.31
C PHE A 99 29.41 -20.15 -4.81
N ASP A 100 28.54 -19.45 -5.55
CA ASP A 100 28.06 -18.13 -5.14
C ASP A 100 26.73 -18.26 -4.39
N LEU A 101 26.46 -17.30 -3.52
CA LEU A 101 25.24 -17.32 -2.72
C LEU A 101 24.57 -15.97 -2.74
N VAL A 102 23.26 -15.99 -3.01
CA VAL A 102 22.41 -14.81 -2.93
C VAL A 102 21.27 -15.16 -2.01
N ALA A 103 21.02 -14.34 -0.99
CA ALA A 103 19.99 -14.65 0.01
C ALA A 103 19.21 -13.41 0.40
N HIS A 104 17.90 -13.59 0.63
CA HIS A 104 16.96 -12.51 0.93
C HIS A 104 16.25 -12.86 2.23
N ASP A 105 16.14 -11.90 3.14
CA ASP A 105 15.30 -12.06 4.32
C ASP A 105 15.78 -13.24 5.16
N ILE A 106 14.89 -14.15 5.56
CA ILE A 106 15.33 -15.26 6.40
C ILE A 106 16.27 -16.22 5.66
N GLY A 107 16.39 -16.07 4.34
CA GLY A 107 17.45 -16.78 3.63
C GLY A 107 18.80 -16.44 4.21
N ILE A 108 18.95 -15.23 4.72
CA ILE A 108 20.20 -14.83 5.38
C ILE A 108 20.40 -15.61 6.68
N TRP A 109 19.35 -15.68 7.50
CA TRP A 109 19.44 -16.39 8.78
C TRP A 109 19.85 -17.84 8.54
N ASN A 110 19.32 -18.41 7.46
CA ASN A 110 19.47 -19.82 7.16
C ASN A 110 20.72 -20.19 6.38
N THR A 111 21.55 -19.18 6.05
CA THR A 111 22.81 -19.41 5.35
C THR A 111 24.04 -18.87 6.06
N TYR A 112 23.88 -17.84 6.88
CA TYR A 112 25.07 -17.24 7.49
C TYR A 112 25.99 -18.27 8.18
N PRO A 113 25.41 -19.18 8.98
CA PRO A 113 26.31 -20.13 9.65
C PRO A 113 27.11 -21.00 8.70
N MET A 114 26.53 -21.40 7.57
CA MET A 114 27.32 -22.27 6.71
C MET A 114 28.36 -21.47 5.92
N VAL A 115 28.11 -20.18 5.73
CA VAL A 115 29.11 -19.33 5.10
C VAL A 115 30.32 -19.16 6.02
N VAL A 116 30.07 -18.84 7.29
CA VAL A 116 31.18 -18.60 8.20
C VAL A 116 31.94 -19.90 8.54
N LYS A 117 31.24 -21.03 8.50
CA LYS A 117 31.85 -22.32 8.83
C LYS A 117 32.55 -22.99 7.65
N ASN A 118 32.24 -22.54 6.45
CA ASN A 118 32.78 -23.12 5.24
C ASN A 118 33.20 -22.03 4.26
N GLN A 119 34.01 -21.07 4.72
CA GLN A 119 34.30 -19.90 3.90
C GLN A 119 34.90 -20.24 2.54
N ALA A 120 35.73 -21.29 2.50
CA ALA A 120 36.37 -21.68 1.25
C ALA A 120 35.36 -22.16 0.19
N ASP A 121 34.16 -22.53 0.62
CA ASP A 121 33.14 -23.02 -0.28
C ASP A 121 32.31 -21.91 -0.93
N ILE A 122 32.48 -20.68 -0.44
CA ILE A 122 31.68 -19.55 -0.90
C ILE A 122 32.53 -18.54 -1.65
N ALA A 123 32.38 -18.47 -2.97
CA ALA A 123 33.18 -17.56 -3.78
C ALA A 123 32.80 -16.09 -3.55
N ARG A 124 31.52 -15.80 -3.71
CA ARG A 124 31.01 -14.43 -3.58
C ARG A 124 29.64 -14.50 -2.92
N LEU A 125 29.26 -13.45 -2.20
CA LEU A 125 28.08 -13.47 -1.34
C LEU A 125 27.26 -12.21 -1.56
N VAL A 126 25.95 -12.36 -1.73
CA VAL A 126 25.03 -11.22 -1.80
C VAL A 126 23.93 -11.42 -0.79
N TYR A 127 23.82 -10.49 0.16
CA TYR A 127 22.77 -10.53 1.17
C TYR A 127 21.87 -9.33 1.05
N MET A 128 20.56 -9.54 1.13
CA MET A 128 19.62 -8.42 1.02
C MET A 128 18.46 -8.50 1.99
N GLU A 129 18.14 -7.36 2.59
CA GLU A 129 16.85 -7.16 3.23
C GLU A 129 16.53 -8.10 4.39
N ALA A 130 17.42 -8.12 5.39
CA ALA A 130 17.13 -8.65 6.72
C ALA A 130 18.37 -8.55 7.58
N PRO A 131 18.19 -8.36 8.89
CA PRO A 131 19.35 -8.45 9.78
C PRO A 131 19.88 -9.88 9.89
N ILE A 132 21.20 -10.03 9.92
CA ILE A 132 21.79 -11.26 10.43
C ILE A 132 21.37 -11.32 11.91
N PRO A 133 20.93 -12.49 12.38
CA PRO A 133 20.49 -12.56 13.78
C PRO A 133 21.63 -12.30 14.77
N ASP A 134 21.51 -11.17 15.46
CA ASP A 134 22.41 -10.80 16.55
C ASP A 134 21.72 -9.82 17.47
N ALA A 135 22.47 -9.27 18.43
CA ALA A 135 21.87 -8.42 19.45
C ALA A 135 21.21 -7.17 18.86
N ARG A 136 21.56 -6.83 17.63
CA ARG A 136 20.98 -5.65 16.99
C ARG A 136 19.48 -5.82 16.82
N ILE A 137 18.99 -7.06 16.75
CA ILE A 137 17.55 -7.23 16.54
C ILE A 137 16.70 -6.79 17.73
N TYR A 138 17.32 -6.70 18.91
CA TYR A 138 16.59 -6.29 20.11
C TYR A 138 16.49 -4.77 20.21
N ARG A 139 17.10 -4.07 19.25
CA ARG A 139 17.08 -2.62 19.25
C ARG A 139 16.00 -2.01 18.33
N PHE A 140 15.38 -2.84 17.50
CA PHE A 140 14.30 -2.37 16.65
C PHE A 140 13.09 -2.03 17.52
N PRO A 141 12.35 -0.98 17.18
CA PRO A 141 11.20 -0.54 17.99
C PRO A 141 9.93 -1.32 17.71
N ALA A 142 9.10 -1.43 18.76
CA ALA A 142 7.79 -2.05 18.65
C ALA A 142 6.80 -1.21 17.86
N PHE A 143 7.02 0.11 17.86
CA PHE A 143 6.04 1.05 17.33
C PHE A 143 6.76 2.34 16.92
N THR A 144 6.35 2.95 15.81
CA THR A 144 7.02 4.14 15.34
C THR A 144 6.06 5.31 15.18
N ALA A 145 6.62 6.50 15.10
CA ALA A 145 5.80 7.69 14.93
C ALA A 145 5.00 7.70 13.61
N GLN A 146 5.25 6.73 12.72
CA GLN A 146 4.45 6.59 11.49
C GLN A 146 3.38 5.49 11.55
N GLY A 147 3.58 4.55 12.48
CA GLY A 147 2.70 3.40 12.64
C GLY A 147 3.45 2.10 12.90
N GLU A 148 2.95 1.01 12.32
CA GLU A 148 3.56 -0.29 12.58
C GLU A 148 5.04 -0.30 12.18
N SER A 149 5.85 -0.95 13.01
CA SER A 149 7.30 -0.94 12.86
C SER A 149 7.72 -2.03 11.89
N LEU A 150 9.00 -2.09 11.53
CA LEU A 150 9.45 -3.08 10.57
C LEU A 150 9.33 -4.51 11.09
N VAL A 151 9.67 -4.73 12.36
CA VAL A 151 9.79 -6.11 12.82
C VAL A 151 8.97 -6.48 14.06
N TRP A 152 7.87 -5.80 14.29
CA TRP A 152 6.99 -6.17 15.39
C TRP A 152 6.51 -7.61 15.24
N HIS A 153 6.44 -8.09 13.99
CA HIS A 153 5.99 -9.45 13.75
C HIS A 153 6.95 -10.49 14.31
N PHE A 154 8.20 -10.11 14.61
CA PHE A 154 9.11 -11.07 15.26
C PHE A 154 8.42 -11.59 16.52
N SER A 155 7.84 -10.69 17.31
CA SER A 155 7.18 -11.08 18.55
C SER A 155 5.91 -11.89 18.28
N PHE A 156 5.12 -11.45 17.30
CA PHE A 156 3.87 -12.11 16.95
C PHE A 156 4.15 -13.56 16.54
N PHE A 157 5.12 -13.73 15.64
CA PHE A 157 5.40 -15.05 15.10
C PHE A 157 6.11 -15.95 16.12
N ALA A 158 6.87 -15.36 17.03
CA ALA A 158 7.59 -16.15 18.04
C ALA A 158 6.75 -16.50 19.27
N ALA A 159 5.59 -15.86 19.41
CA ALA A 159 4.76 -16.02 20.61
C ALA A 159 4.33 -17.46 20.82
N ASP A 160 4.22 -17.84 22.09
CA ASP A 160 3.82 -19.19 22.48
C ASP A 160 2.38 -19.51 22.11
N ASP A 161 2.00 -20.77 22.32
CA ASP A 161 0.62 -21.21 22.16
C ASP A 161 0.16 -21.14 20.72
N ARG A 162 1.10 -21.16 19.77
CA ARG A 162 0.72 -21.11 18.36
C ARG A 162 -0.18 -19.90 18.10
N LEU A 163 0.13 -18.78 18.72
CA LEU A 163 -0.70 -17.58 18.56
C LEU A 163 -0.90 -17.20 17.09
N ALA A 164 0.21 -17.08 16.36
CA ALA A 164 0.13 -16.63 14.97
C ALA A 164 -0.60 -17.63 14.06
N GLU A 165 -0.27 -18.91 14.14
CA GLU A 165 -0.97 -19.90 13.31
CA GLU A 165 -0.93 -19.92 13.36
C GLU A 165 -2.44 -19.91 13.62
N THR A 166 -2.78 -19.82 14.90
CA THR A 166 -4.17 -19.92 15.28
C THR A 166 -4.99 -18.74 14.74
N LEU A 167 -4.41 -17.55 14.78
CA LEU A 167 -5.09 -16.37 14.26
C LEU A 167 -5.12 -16.32 12.73
N ILE A 168 -4.04 -16.79 12.10
CA ILE A 168 -3.90 -16.62 10.66
C ILE A 168 -4.51 -17.76 9.85
N ALA A 169 -4.65 -18.93 10.45
CA ALA A 169 -5.26 -20.06 9.74
C ALA A 169 -6.64 -19.67 9.23
N GLY A 170 -6.90 -19.95 7.95
CA GLY A 170 -8.16 -19.59 7.33
C GLY A 170 -8.17 -18.16 6.80
N LYS A 171 -7.12 -17.40 7.11
CA LYS A 171 -7.02 -16.02 6.65
CA LYS A 171 -7.01 -16.01 6.70
C LYS A 171 -5.63 -15.73 6.09
N GLU A 172 -4.99 -16.76 5.56
CA GLU A 172 -3.62 -16.65 5.08
C GLU A 172 -3.48 -15.67 3.92
N ARG A 173 -4.43 -15.70 3.00
CA ARG A 173 -4.38 -14.84 1.83
C ARG A 173 -4.54 -13.37 2.22
N PHE A 174 -5.47 -13.10 3.13
CA PHE A 174 -5.64 -11.76 3.66
C PHE A 174 -4.37 -11.30 4.37
N PHE A 175 -3.84 -12.15 5.25
CA PHE A 175 -2.69 -11.75 6.02
C PHE A 175 -1.48 -11.46 5.15
N LEU A 176 -1.24 -12.33 4.18
CA LEU A 176 -0.04 -12.20 3.35
C LEU A 176 -0.09 -10.92 2.52
N GLU A 177 -1.27 -10.58 2.00
CA GLU A 177 -1.37 -9.34 1.24
C GLU A 177 -1.05 -8.15 2.13
N HIS A 178 -1.56 -8.15 3.36
CA HIS A 178 -1.24 -7.05 4.25
C HIS A 178 0.24 -7.02 4.59
N PHE A 179 0.81 -8.18 4.92
CA PHE A 179 2.19 -8.23 5.33
C PHE A 179 3.11 -7.78 4.20
N ILE A 180 2.88 -8.30 3.01
CA ILE A 180 3.73 -7.93 1.88
C ILE A 180 3.60 -6.44 1.55
N LYS A 181 2.37 -5.97 1.39
CA LYS A 181 2.20 -4.56 1.02
C LYS A 181 2.70 -3.58 2.09
N SER A 182 2.53 -3.95 3.36
CA SER A 182 2.99 -3.07 4.44
C SER A 182 4.50 -2.92 4.45
N HIS A 183 5.20 -3.88 3.83
CA HIS A 183 6.65 -3.84 3.73
C HIS A 183 7.14 -3.44 2.33
N ALA A 184 6.27 -2.87 1.52
CA ALA A 184 6.62 -2.48 0.15
C ALA A 184 6.56 -0.98 -0.07
N SER A 185 7.36 -0.51 -1.02
CA SER A 185 7.26 0.86 -1.53
C SER A 185 6.45 0.80 -2.83
N ASN A 186 6.83 -0.11 -3.72
CA ASN A 186 6.11 -0.31 -4.97
CA ASN A 186 6.14 -0.32 -4.98
C ASN A 186 5.13 -1.45 -4.83
N THR A 187 3.99 -1.15 -4.21
CA THR A 187 3.03 -2.19 -3.86
C THR A 187 2.36 -2.79 -5.09
N GLU A 188 2.37 -2.02 -6.18
CA GLU A 188 1.62 -2.35 -7.38
CA GLU A 188 1.61 -2.37 -7.38
C GLU A 188 2.06 -3.66 -8.06
N VAL A 189 3.29 -4.10 -7.79
CA VAL A 189 3.76 -5.34 -8.38
C VAL A 189 3.10 -6.57 -7.76
N PHE A 190 2.49 -6.37 -6.60
CA PHE A 190 1.79 -7.48 -5.96
C PHE A 190 0.34 -7.58 -6.40
N SER A 191 0.18 -8.09 -7.61
CA SER A 191 -1.13 -8.32 -8.20
C SER A 191 -1.87 -9.36 -7.37
N GLU A 192 -3.19 -9.35 -7.51
CA GLU A 192 -4.02 -10.33 -6.84
C GLU A 192 -3.61 -11.74 -7.27
N ARG A 193 -3.27 -11.90 -8.55
CA ARG A 193 -2.82 -13.17 -9.10
C ARG A 193 -1.54 -13.66 -8.43
N LEU A 194 -0.56 -12.76 -8.26
CA LEU A 194 0.71 -13.15 -7.65
C LEU A 194 0.53 -13.48 -6.17
N LEU A 195 -0.28 -12.68 -5.50
CA LEU A 195 -0.56 -12.94 -4.09
C LEU A 195 -1.30 -14.27 -3.92
N ASP A 196 -2.19 -14.60 -4.84
CA ASP A 196 -2.88 -15.90 -4.79
C ASP A 196 -1.85 -17.03 -4.81
N LEU A 197 -0.85 -16.92 -5.68
CA LEU A 197 0.16 -17.97 -5.77
C LEU A 197 0.94 -18.13 -4.48
N TYR A 198 1.44 -17.03 -3.93
CA TYR A 198 2.23 -17.12 -2.70
C TYR A 198 1.38 -17.59 -1.53
N ALA A 199 0.13 -17.12 -1.45
CA ALA A 199 -0.72 -17.47 -0.31
C ALA A 199 -1.08 -18.96 -0.33
N ARG A 200 -1.33 -19.51 -1.51
CA ARG A 200 -1.73 -20.91 -1.61
C ARG A 200 -0.59 -21.79 -1.08
N SER A 201 0.64 -21.35 -1.32
CA SER A 201 1.79 -22.13 -0.87
C SER A 201 1.96 -22.09 0.64
N TYR A 202 1.97 -20.90 1.22
CA TYR A 202 2.26 -20.83 2.66
C TYR A 202 1.05 -21.20 3.53
N ALA A 203 -0.12 -21.29 2.91
CA ALA A 203 -1.35 -21.72 3.60
C ALA A 203 -1.39 -23.23 3.86
N LYS A 204 -0.53 -24.00 3.20
CA LYS A 204 -0.42 -25.43 3.56
C LYS A 204 -0.13 -25.46 5.06
N PRO A 205 -0.93 -26.23 5.83
CA PRO A 205 -0.75 -26.17 7.28
C PRO A 205 0.69 -26.34 7.75
N HIS A 206 1.43 -27.29 7.19
CA HIS A 206 2.80 -27.47 7.63
C HIS A 206 3.71 -26.31 7.23
N SER A 207 3.33 -25.61 6.17
CA SER A 207 4.11 -24.44 5.73
C SER A 207 3.80 -23.21 6.58
N LEU A 208 2.54 -23.05 6.97
CA LEU A 208 2.19 -21.97 7.87
C LEU A 208 2.95 -22.11 9.20
N ASN A 209 2.93 -23.33 9.75
CA ASN A 209 3.69 -23.60 10.96
C ASN A 209 5.19 -23.44 10.76
N ALA A 210 5.74 -24.03 9.69
CA ALA A 210 7.17 -23.88 9.42
C ALA A 210 7.58 -22.40 9.36
N SER A 211 6.80 -21.58 8.66
CA SER A 211 7.09 -20.16 8.56
C SER A 211 7.42 -19.57 9.92
N PHE A 212 6.57 -19.87 10.90
CA PHE A 212 6.71 -19.25 12.21
C PHE A 212 7.77 -19.90 13.08
N GLU A 213 8.09 -21.16 12.79
CA GLU A 213 9.16 -21.84 13.52
C GLU A 213 10.52 -21.18 13.30
N TYR A 214 10.72 -20.55 12.14
CA TYR A 214 11.97 -19.82 11.91
C TYR A 214 12.09 -18.67 12.89
N PHE A 215 10.97 -18.04 13.21
CA PHE A 215 10.97 -16.93 14.17
C PHE A 215 11.05 -17.44 15.60
N ARG A 216 10.47 -18.59 15.87
CA ARG A 216 10.58 -19.22 17.20
CA ARG A 216 10.58 -19.20 17.21
C ARG A 216 12.01 -19.66 17.50
N ALA A 217 12.80 -19.85 16.44
CA ALA A 217 14.19 -20.24 16.58
C ALA A 217 15.13 -19.04 16.55
N LEU A 218 14.58 -17.84 16.37
CA LEU A 218 15.41 -16.65 16.18
C LEU A 218 16.38 -16.38 17.34
N ASN A 219 15.89 -16.47 18.57
CA ASN A 219 16.76 -16.24 19.71
C ASN A 219 17.89 -17.26 19.79
N GLU A 220 17.58 -18.51 19.44
CA GLU A 220 18.62 -19.52 19.35
C GLU A 220 19.65 -19.17 18.29
N SER A 221 19.19 -18.70 17.13
CA SER A 221 20.09 -18.28 16.05
C SER A 221 21.00 -17.15 16.50
N VAL A 222 20.45 -16.18 17.25
CA VAL A 222 21.26 -15.10 17.81
C VAL A 222 22.36 -15.68 18.71
N ARG A 223 22.01 -16.63 19.57
CA ARG A 223 22.99 -17.23 20.46
C ARG A 223 24.07 -17.97 19.65
N GLN A 224 23.65 -18.67 18.60
CA GLN A 224 24.60 -19.36 17.74
C GLN A 224 25.57 -18.40 17.10
N ASN A 225 25.04 -17.28 16.61
CA ASN A 225 25.85 -16.36 15.82
C ASN A 225 26.81 -15.56 16.66
N ALA A 226 26.53 -15.44 17.94
CA ALA A 226 27.42 -14.73 18.84
C ALA A 226 28.79 -15.42 18.85
N GLU A 227 28.77 -16.74 18.80
CA GLU A 227 29.99 -17.53 18.72
C GLU A 227 30.61 -17.45 17.33
N LEU A 228 29.80 -17.68 16.31
CA LEU A 228 30.30 -17.73 14.94
C LEU A 228 30.94 -16.42 14.47
N ALA A 229 30.39 -15.29 14.92
CA ALA A 229 30.82 -13.98 14.45
C ALA A 229 32.23 -13.61 14.90
N LYS A 230 32.85 -14.44 15.73
CA LYS A 230 34.22 -14.21 16.16
C LYS A 230 35.19 -14.31 14.98
N THR A 231 34.73 -14.88 13.87
CA THR A 231 35.51 -14.94 12.65
C THR A 231 34.82 -14.15 11.54
N ARG A 232 35.49 -13.13 11.02
CA ARG A 232 34.94 -12.27 9.97
C ARG A 232 34.96 -12.99 8.62
N LEU A 233 33.98 -12.69 7.79
CA LEU A 233 33.90 -13.23 6.44
C LEU A 233 34.94 -12.57 5.55
N GLN A 234 35.64 -13.37 4.74
CA GLN A 234 36.76 -12.88 3.94
C GLN A 234 36.48 -12.77 2.44
N MET A 235 35.36 -13.34 1.99
CA MET A 235 35.06 -13.34 0.55
C MET A 235 34.34 -12.06 0.13
N PRO A 236 34.41 -11.72 -1.17
CA PRO A 236 33.70 -10.51 -1.62
C PRO A 236 32.20 -10.59 -1.30
N THR A 237 31.67 -9.53 -0.71
CA THR A 237 30.29 -9.47 -0.30
CA THR A 237 30.27 -9.49 -0.35
C THR A 237 29.61 -8.19 -0.78
N MET A 238 28.33 -8.28 -1.11
CA MET A 238 27.53 -7.11 -1.47
C MET A 238 26.23 -7.18 -0.68
N THR A 239 25.82 -6.04 -0.12
CA THR A 239 24.52 -5.96 0.52
C THR A 239 23.59 -5.07 -0.31
N LEU A 240 22.32 -5.45 -0.36
CA LEU A 240 21.29 -4.59 -0.92
C LEU A 240 20.18 -4.38 0.09
N ALA A 241 19.61 -3.19 0.07
CA ALA A 241 18.48 -2.89 0.93
C ALA A 241 17.58 -1.89 0.21
N GLY A 242 16.30 -1.91 0.56
CA GLY A 242 15.38 -0.91 0.05
C GLY A 242 15.47 0.39 0.82
N GLY A 243 15.41 1.52 0.12
CA GLY A 243 15.40 2.82 0.76
C GLY A 243 14.01 3.40 0.93
N GLY A 244 13.00 2.72 0.39
CA GLY A 244 11.64 3.18 0.49
C GLY A 244 10.91 2.53 1.65
N HIS A 245 9.60 2.75 1.69
CA HIS A 245 8.77 2.18 2.74
C HIS A 245 8.97 0.68 2.87
N GLY A 246 9.22 0.22 4.10
CA GLY A 246 9.35 -1.19 4.38
C GLY A 246 10.74 -1.76 4.23
N GLY A 247 11.69 -0.94 3.78
CA GLY A 247 13.05 -1.40 3.57
C GLY A 247 13.95 -1.21 4.79
N MET A 248 15.10 -1.89 4.75
CA MET A 248 16.07 -1.83 5.84
C MET A 248 16.98 -0.59 5.79
N GLY A 249 17.03 0.06 4.63
CA GLY A 249 17.85 1.25 4.51
C GLY A 249 19.32 1.01 4.83
N THR A 250 19.91 1.96 5.53
CA THR A 250 21.35 1.89 5.81
C THR A 250 21.75 0.79 6.79
N PHE A 251 20.78 0.20 7.47
CA PHE A 251 21.09 -0.81 8.47
C PHE A 251 21.83 -2.00 7.86
N GLN A 252 21.42 -2.39 6.66
CA GLN A 252 21.95 -3.61 6.06
C GLN A 252 23.47 -3.58 5.93
N LEU A 253 23.97 -2.53 5.30
CA LEU A 253 25.41 -2.37 5.12
C LEU A 253 26.13 -2.14 6.45
N GLU A 254 25.54 -1.31 7.30
CA GLU A 254 26.19 -0.98 8.57
C GLU A 254 26.42 -2.23 9.42
N GLN A 255 25.42 -3.12 9.48
CA GLN A 255 25.60 -4.36 10.21
C GLN A 255 26.64 -5.23 9.53
N MET A 256 26.56 -5.32 8.21
CA MET A 256 27.45 -6.23 7.49
C MET A 256 28.92 -5.86 7.63
N LYS A 257 29.20 -4.57 7.80
CA LYS A 257 30.59 -4.13 8.00
C LYS A 257 31.22 -4.79 9.24
N ALA A 258 30.39 -5.15 10.22
CA ALA A 258 30.90 -5.82 11.42
C ALA A 258 31.23 -7.28 11.14
N TYR A 259 30.68 -7.82 10.05
CA TYR A 259 30.76 -9.24 9.71
C TYR A 259 31.75 -9.56 8.60
N ALA A 260 32.01 -8.60 7.72
CA ALA A 260 32.76 -8.86 6.50
C ALA A 260 33.90 -7.89 6.26
N GLU A 261 35.03 -8.40 5.79
CA GLU A 261 36.18 -7.55 5.49
C GLU A 261 36.00 -6.78 4.19
N ASP A 262 35.33 -7.42 3.23
CA ASP A 262 35.21 -6.92 1.88
C ASP A 262 33.73 -6.80 1.55
N VAL A 263 33.17 -5.62 1.75
CA VAL A 263 31.74 -5.44 1.53
C VAL A 263 31.42 -4.12 0.84
N GLU A 264 30.55 -4.19 -0.15
CA GLU A 264 30.02 -2.99 -0.76
C GLU A 264 28.51 -3.05 -0.61
N GLY A 265 27.91 -1.89 -0.41
CA GLY A 265 26.49 -1.84 -0.12
C GLY A 265 25.73 -0.85 -0.99
N HIS A 266 24.45 -1.15 -1.22
CA HIS A 266 23.57 -0.29 -2.00
C HIS A 266 22.22 -0.20 -1.33
N VAL A 267 21.68 1.01 -1.31
CA VAL A 267 20.30 1.23 -0.90
C VAL A 267 19.56 1.67 -2.16
N LEU A 268 18.49 0.95 -2.49
CA LEU A 268 17.73 1.23 -3.70
C LEU A 268 16.54 2.14 -3.40
N PRO A 269 16.59 3.38 -3.90
CA PRO A 269 15.49 4.33 -3.63
C PRO A 269 14.17 3.87 -4.25
N GLY A 270 13.07 4.15 -3.55
CA GLY A 270 11.75 3.82 -4.08
C GLY A 270 11.43 2.34 -4.06
N CYS A 271 12.17 1.60 -3.25
CA CYS A 271 12.02 0.15 -3.16
C CYS A 271 11.96 -0.23 -1.70
N GLY A 272 11.04 -1.13 -1.35
CA GLY A 272 10.92 -1.60 0.02
C GLY A 272 11.64 -2.91 0.27
N HIS A 273 10.97 -3.83 0.94
CA HIS A 273 11.59 -5.10 1.33
C HIS A 273 11.75 -6.09 0.17
N TRP A 274 10.83 -6.03 -0.78
CA TRP A 274 10.70 -7.11 -1.76
C TRP A 274 11.46 -6.79 -3.04
N LEU A 275 12.78 -6.67 -2.92
CA LEU A 275 13.59 -6.11 -4.02
C LEU A 275 13.43 -6.79 -5.38
N PRO A 276 13.42 -8.14 -5.42
CA PRO A 276 13.38 -8.79 -6.73
C PRO A 276 12.13 -8.44 -7.53
N GLU A 277 11.05 -8.13 -6.83
CA GLU A 277 9.77 -7.87 -7.47
C GLU A 277 9.48 -6.38 -7.59
N GLU A 278 9.79 -5.62 -6.55
CA GLU A 278 9.53 -4.18 -6.57
C GLU A 278 10.47 -3.44 -7.49
N CYS A 279 11.71 -3.92 -7.57
CA CYS A 279 12.74 -3.19 -8.28
C CYS A 279 13.65 -4.17 -9.05
N ALA A 280 13.02 -4.98 -9.90
CA ALA A 280 13.71 -6.02 -10.65
C ALA A 280 14.88 -5.52 -11.48
N ALA A 281 14.67 -4.46 -12.26
CA ALA A 281 15.74 -4.01 -13.15
C ALA A 281 17.02 -3.61 -12.40
N PRO A 282 16.92 -2.67 -11.44
CA PRO A 282 18.19 -2.31 -10.81
C PRO A 282 18.74 -3.41 -9.91
N MET A 283 17.88 -4.16 -9.24
CA MET A 283 18.38 -5.22 -8.37
C MET A 283 19.07 -6.31 -9.17
N ASN A 284 18.43 -6.77 -10.26
CA ASN A 284 19.02 -7.81 -11.09
C ASN A 284 20.37 -7.34 -11.64
N ARG A 285 20.44 -6.08 -12.04
CA ARG A 285 21.67 -5.54 -12.62
C ARG A 285 22.80 -5.56 -11.58
N LEU A 286 22.49 -5.11 -10.37
CA LEU A 286 23.49 -5.10 -9.32
C LEU A 286 24.00 -6.50 -9.03
N VAL A 287 23.09 -7.47 -8.94
CA VAL A 287 23.48 -8.85 -8.65
C VAL A 287 24.29 -9.48 -9.79
N ILE A 288 23.80 -9.36 -11.02
CA ILE A 288 24.52 -9.92 -12.17
C ILE A 288 25.93 -9.34 -12.32
N ASP A 289 26.04 -8.02 -12.20
CA ASP A 289 27.35 -7.37 -12.31
C ASP A 289 28.30 -7.85 -11.20
N PHE A 290 27.80 -7.92 -9.97
CA PHE A 290 28.65 -8.29 -8.85
C PHE A 290 29.17 -9.73 -9.00
N LEU A 291 28.29 -10.64 -9.39
CA LEU A 291 28.69 -12.04 -9.55
C LEU A 291 29.57 -12.26 -10.77
N SER A 292 29.42 -11.40 -11.78
CA SER A 292 30.19 -11.54 -13.00
C SER A 292 31.63 -11.00 -12.89
N ARG A 293 31.98 -10.45 -11.73
CA ARG A 293 33.37 -10.07 -11.47
C ARG A 293 34.22 -11.32 -11.31
N GLY A 294 33.61 -12.38 -10.79
CA GLY A 294 34.29 -13.67 -10.65
C GLY A 294 34.05 -14.54 -11.86
N ARG A 295 34.60 -15.76 -11.83
CA ARG A 295 34.43 -16.69 -12.95
C ARG A 295 32.95 -16.96 -13.24
N HIS A 296 32.60 -16.94 -14.51
CA HIS A 296 31.24 -17.25 -14.95
C HIS A 296 31.23 -17.85 -16.35
N ALA B 1 -30.14 -7.22 30.68
CA ALA B 1 -29.00 -8.04 31.02
C ALA B 1 -27.74 -7.20 31.23
N GLU B 2 -26.78 -7.75 31.96
CA GLU B 2 -25.52 -7.07 32.24
C GLU B 2 -24.38 -7.96 31.78
N GLU B 3 -23.34 -7.37 31.21
CA GLU B 3 -22.18 -8.14 30.81
C GLU B 3 -21.41 -8.67 32.01
N PHE B 4 -21.44 -7.93 33.12
CA PHE B 4 -20.70 -8.32 34.32
C PHE B 4 -21.55 -8.11 35.54
N PRO B 5 -21.35 -8.94 36.57
CA PRO B 5 -22.17 -8.83 37.77
C PRO B 5 -21.90 -7.55 38.57
N VAL B 6 -22.96 -6.84 38.92
CA VAL B 6 -22.87 -5.59 39.65
C VAL B 6 -22.79 -5.85 41.16
N PRO B 7 -21.83 -5.21 41.85
CA PRO B 7 -21.72 -5.42 43.31
C PRO B 7 -22.95 -4.94 44.05
N ASN B 8 -23.25 -5.57 45.18
CA ASN B 8 -24.38 -5.14 45.98
C ASN B 8 -24.23 -3.68 46.38
N GLY B 9 -25.32 -2.92 46.31
CA GLY B 9 -25.29 -1.52 46.68
C GLY B 9 -24.86 -0.61 45.53
N PHE B 10 -24.53 -1.21 44.40
CA PHE B 10 -24.20 -0.41 43.22
C PHE B 10 -25.31 -0.49 42.19
N GLU B 11 -25.36 0.53 41.33
CA GLU B 11 -26.32 0.54 40.23
C GLU B 11 -25.60 0.62 38.89
N SER B 12 -26.14 -0.10 37.90
CA SER B 12 -25.71 0.02 36.53
C SER B 12 -26.63 0.98 35.81
N ALA B 13 -26.08 2.00 35.16
CA ALA B 13 -26.89 3.04 34.56
C ALA B 13 -26.20 3.65 33.36
N TYR B 14 -26.87 4.62 32.73
CA TYR B 14 -26.38 5.24 31.53
C TYR B 14 -26.62 6.74 31.57
N ARG B 15 -25.71 7.49 30.95
CA ARG B 15 -25.92 8.93 30.74
C ARG B 15 -25.48 9.30 29.34
N GLU B 16 -26.23 10.20 28.72
CA GLU B 16 -25.81 10.79 27.46
C GLU B 16 -24.79 11.88 27.72
N VAL B 17 -23.68 11.81 27.00
CA VAL B 17 -22.67 12.85 27.05
C VAL B 17 -22.32 13.21 25.62
N ASP B 18 -22.61 14.45 25.24
CA ASP B 18 -22.37 14.89 23.88
C ASP B 18 -22.92 13.90 22.85
N GLY B 19 -24.13 13.41 23.10
CA GLY B 19 -24.82 12.56 22.15
C GLY B 19 -24.39 11.10 22.17
N VAL B 20 -23.54 10.74 23.12
CA VAL B 20 -23.04 9.37 23.23
C VAL B 20 -23.52 8.75 24.54
N LYS B 21 -24.13 7.57 24.45
CA LYS B 21 -24.71 6.91 25.62
C LYS B 21 -23.65 6.11 26.36
N LEU B 22 -23.21 6.63 27.49
CA LEU B 22 -22.15 5.98 28.27
C LEU B 22 -22.72 5.12 29.37
N HIS B 23 -22.17 3.91 29.52
CA HIS B 23 -22.52 3.01 30.62
C HIS B 23 -21.57 3.22 31.79
N TYR B 24 -22.11 3.14 33.00
CA TYR B 24 -21.27 3.16 34.19
C TYR B 24 -21.91 2.38 35.32
N VAL B 25 -21.09 2.04 36.30
CA VAL B 25 -21.58 1.45 37.53
C VAL B 25 -21.22 2.38 38.68
N LYS B 26 -22.20 2.67 39.54
CA LYS B 26 -22.04 3.73 40.53
C LYS B 26 -22.57 3.29 41.89
N GLY B 27 -21.86 3.67 42.95
CA GLY B 27 -22.32 3.43 44.30
C GLY B 27 -21.57 4.30 45.30
N GLY B 28 -22.03 4.31 46.55
CA GLY B 28 -21.34 5.03 47.60
C GLY B 28 -21.87 6.43 47.82
N GLN B 29 -21.27 7.12 48.80
CA GLN B 29 -21.64 8.48 49.14
C GLN B 29 -20.36 9.23 49.49
N GLY B 30 -20.37 10.55 49.28
CA GLY B 30 -19.19 11.36 49.56
C GLY B 30 -18.66 11.92 48.26
N PRO B 31 -17.44 12.51 48.30
CA PRO B 31 -16.80 13.08 47.11
C PRO B 31 -16.65 12.01 46.05
N LEU B 32 -16.60 12.43 44.79
CA LEU B 32 -16.56 11.50 43.67
C LEU B 32 -15.16 10.98 43.37
N VAL B 33 -15.08 9.68 43.12
CA VAL B 33 -13.89 9.07 42.51
C VAL B 33 -14.33 8.35 41.25
N MET B 34 -13.69 8.67 40.12
CA MET B 34 -13.95 7.98 38.86
C MET B 34 -12.81 7.00 38.59
N LEU B 35 -13.16 5.77 38.27
CA LEU B 35 -12.21 4.70 37.97
C LEU B 35 -12.33 4.36 36.49
N VAL B 36 -11.21 4.42 35.76
CA VAL B 36 -11.24 4.22 34.31
C VAL B 36 -10.38 3.04 33.88
N HIS B 37 -11.03 2.02 33.31
CA HIS B 37 -10.39 0.79 32.85
C HIS B 37 -9.61 0.96 31.55
N GLY B 38 -8.98 -0.12 31.12
CA GLY B 38 -8.22 -0.12 29.88
C GLY B 38 -8.56 -1.23 28.89
N PHE B 39 -7.63 -1.49 27.98
CA PHE B 39 -7.86 -2.45 26.93
C PHE B 39 -8.04 -3.88 27.44
N GLY B 40 -8.97 -4.60 26.82
CA GLY B 40 -9.20 -6.00 27.14
C GLY B 40 -10.21 -6.14 28.27
N GLN B 41 -10.55 -5.00 28.88
CA GLN B 41 -11.41 -5.02 30.06
C GLN B 41 -12.53 -4.00 29.99
N THR B 42 -13.22 -3.82 31.13
CA THR B 42 -14.37 -2.95 31.24
C THR B 42 -14.38 -2.43 32.67
N TRP B 43 -15.46 -1.76 33.06
CA TRP B 43 -15.61 -1.29 34.43
C TRP B 43 -15.33 -2.38 35.46
N TYR B 44 -15.58 -3.63 35.06
CA TYR B 44 -15.54 -4.76 35.99
C TYR B 44 -14.18 -5.00 36.63
N GLU B 45 -13.10 -4.54 36.01
CA GLU B 45 -11.79 -4.75 36.61
C GLU B 45 -11.74 -4.08 37.98
N TRP B 46 -12.60 -3.09 38.20
CA TRP B 46 -12.64 -2.35 39.46
C TRP B 46 -13.58 -2.92 40.50
N HIS B 47 -14.21 -4.06 40.22
CA HIS B 47 -15.31 -4.50 41.06
C HIS B 47 -14.90 -4.90 42.49
N GLN B 48 -13.62 -5.19 42.71
CA GLN B 48 -13.17 -5.51 44.05
C GLN B 48 -12.82 -4.25 44.85
N LEU B 49 -12.29 -3.25 44.16
CA LEU B 49 -11.97 -1.96 44.79
C LEU B 49 -13.24 -1.19 45.13
N MET B 50 -14.25 -1.28 44.26
CA MET B 50 -15.43 -0.43 44.38
C MET B 50 -16.14 -0.44 45.74
N PRO B 51 -16.46 -1.63 46.28
CA PRO B 51 -17.19 -1.66 47.56
C PRO B 51 -16.39 -1.02 48.70
N GLU B 52 -15.08 -1.25 48.71
CA GLU B 52 -14.23 -0.71 49.77
C GLU B 52 -14.15 0.81 49.67
N LEU B 53 -13.96 1.29 48.46
CA LEU B 53 -13.86 2.72 48.20
C LEU B 53 -15.19 3.42 48.50
N ALA B 54 -16.31 2.73 48.23
CA ALA B 54 -17.64 3.30 48.40
C ALA B 54 -18.02 3.56 49.87
N LYS B 55 -17.18 3.10 50.78
CA LYS B 55 -17.38 3.36 52.20
C LYS B 55 -17.06 4.81 52.55
N ARG B 56 -16.31 5.47 51.67
CA ARG B 56 -15.82 6.82 51.94
C ARG B 56 -16.12 7.78 50.79
N PHE B 57 -16.44 7.25 49.62
CA PHE B 57 -16.58 8.05 48.40
C PHE B 57 -17.78 7.62 47.59
N THR B 58 -18.28 8.52 46.76
CA THR B 58 -19.15 8.14 45.66
C THR B 58 -18.22 7.65 44.55
N VAL B 59 -18.46 6.44 44.08
CA VAL B 59 -17.56 5.79 43.12
C VAL B 59 -18.29 5.57 41.80
N ILE B 60 -17.69 6.00 40.70
CA ILE B 60 -18.25 5.73 39.38
C ILE B 60 -17.19 5.07 38.51
N ALA B 61 -17.60 3.98 37.84
CA ALA B 61 -16.71 3.27 36.94
C ALA B 61 -17.37 3.16 35.57
N PRO B 62 -16.98 4.03 34.63
CA PRO B 62 -17.60 3.98 33.31
C PRO B 62 -16.96 2.93 32.40
N ASP B 63 -17.70 2.49 31.39
CA ASP B 63 -17.11 1.79 30.26
C ASP B 63 -16.60 2.82 29.25
N LEU B 64 -15.38 2.64 28.76
CA LEU B 64 -14.84 3.55 27.75
C LEU B 64 -15.72 3.53 26.52
N PRO B 65 -15.83 4.66 25.81
CA PRO B 65 -16.63 4.67 24.60
C PRO B 65 -16.34 3.47 23.68
N GLY B 66 -17.41 2.81 23.27
CA GLY B 66 -17.31 1.69 22.34
C GLY B 66 -17.03 0.35 23.01
N LEU B 67 -16.55 0.40 24.26
CA LEU B 67 -16.23 -0.81 25.02
C LEU B 67 -17.30 -1.09 26.08
N GLY B 68 -17.29 -2.30 26.62
CA GLY B 68 -18.33 -2.70 27.54
C GLY B 68 -19.69 -2.38 26.96
N GLN B 69 -20.50 -1.64 27.72
CA GLN B 69 -21.85 -1.29 27.27
C GLN B 69 -22.01 0.17 26.86
N SER B 70 -20.89 0.85 26.63
CA SER B 70 -20.90 2.24 26.16
C SER B 70 -20.90 2.37 24.64
N GLU B 71 -21.67 3.32 24.15
CA GLU B 71 -21.73 3.61 22.72
C GLU B 71 -20.36 4.11 22.26
N PRO B 72 -19.97 3.81 21.00
CA PRO B 72 -18.75 4.38 20.45
C PRO B 72 -18.77 5.91 20.43
N PRO B 73 -17.61 6.55 20.47
CA PRO B 73 -17.52 8.01 20.45
C PRO B 73 -18.00 8.51 19.09
N LYS B 74 -18.54 9.72 19.07
CA LYS B 74 -18.98 10.31 17.80
C LYS B 74 -17.95 11.26 17.23
N THR B 75 -16.98 11.65 18.06
CA THR B 75 -15.90 12.49 17.60
C THR B 75 -14.73 11.65 17.10
N GLY B 76 -14.07 10.93 18.00
CA GLY B 76 -12.95 10.09 17.63
C GLY B 76 -12.35 9.42 18.85
N TYR B 77 -11.28 8.69 18.63
CA TYR B 77 -10.66 7.86 19.65
C TYR B 77 -9.33 8.39 20.15
N SER B 78 -8.92 9.58 19.70
CA SER B 78 -7.72 10.20 20.27
C SER B 78 -7.95 10.56 21.74
N GLY B 79 -6.87 10.67 22.50
CA GLY B 79 -6.96 10.96 23.91
C GLY B 79 -7.76 12.20 24.22
N GLU B 80 -7.53 13.27 23.45
CA GLU B 80 -8.22 14.51 23.70
C GLU B 80 -9.72 14.39 23.46
N GLN B 81 -10.10 13.65 22.42
CA GLN B 81 -11.52 13.50 22.12
C GLN B 81 -12.23 12.65 23.17
N VAL B 82 -11.61 11.54 23.55
CA VAL B 82 -12.26 10.64 24.49
C VAL B 82 -12.31 11.27 25.88
N ALA B 83 -11.28 12.03 26.25
CA ALA B 83 -11.23 12.66 27.56
C ALA B 83 -12.40 13.62 27.78
N VAL B 84 -12.87 14.26 26.71
CA VAL B 84 -14.03 15.15 26.84
C VAL B 84 -15.22 14.38 27.40
N TYR B 85 -15.47 13.18 26.88
CA TYR B 85 -16.61 12.39 27.35
C TYR B 85 -16.50 12.05 28.82
N LEU B 86 -15.32 11.60 29.23
CA LEU B 86 -15.11 11.18 30.61
C LEU B 86 -15.13 12.36 31.57
N HIS B 87 -14.56 13.49 31.16
CA HIS B 87 -14.59 14.70 31.97
C HIS B 87 -16.02 15.17 32.18
N LYS B 88 -16.79 15.24 31.10
CA LYS B 88 -18.17 15.69 31.19
C LYS B 88 -19.03 14.71 32.00
N LEU B 89 -18.77 13.42 31.86
CA LEU B 89 -19.53 12.45 32.65
C LEU B 89 -19.28 12.68 34.14
N ALA B 90 -18.02 12.81 34.53
CA ALA B 90 -17.67 13.05 35.93
C ALA B 90 -18.30 14.33 36.44
N ARG B 91 -18.27 15.38 35.62
CA ARG B 91 -18.84 16.66 36.03
C ARG B 91 -20.36 16.64 36.21
N GLN B 92 -21.05 15.70 35.56
CA GLN B 92 -22.49 15.53 35.80
C GLN B 92 -22.74 15.13 37.24
N PHE B 93 -21.82 14.35 37.80
CA PHE B 93 -21.99 13.85 39.16
C PHE B 93 -21.28 14.68 40.23
N SER B 94 -20.27 15.44 39.81
CA SER B 94 -19.52 16.28 40.73
C SER B 94 -19.35 17.68 40.15
N PRO B 95 -20.46 18.40 39.98
CA PRO B 95 -20.42 19.72 39.35
C PRO B 95 -19.77 20.80 40.23
N ASP B 96 -19.81 20.63 41.55
CA ASP B 96 -19.44 21.70 42.47
C ASP B 96 -18.14 21.45 43.24
N ARG B 97 -17.52 20.29 43.01
CA ARG B 97 -16.33 19.91 43.75
C ARG B 97 -15.39 19.21 42.79
N PRO B 98 -14.07 19.34 43.02
CA PRO B 98 -13.15 18.50 42.25
C PRO B 98 -13.38 17.03 42.57
N PHE B 99 -13.02 16.15 41.64
CA PHE B 99 -13.17 14.72 41.87
C PHE B 99 -11.81 14.02 41.78
N ASP B 100 -11.73 12.80 42.32
CA ASP B 100 -10.52 12.00 42.16
C ASP B 100 -10.61 11.13 40.91
N LEU B 101 -9.45 10.81 40.38
CA LEU B 101 -9.36 9.99 39.17
C LEU B 101 -8.35 8.87 39.36
N VAL B 102 -8.79 7.65 39.07
CA VAL B 102 -7.91 6.49 39.07
C VAL B 102 -8.02 5.87 37.68
N ALA B 103 -6.89 5.67 37.01
CA ALA B 103 -6.92 5.11 35.66
C ALA B 103 -5.83 4.05 35.48
N HIS B 104 -6.16 3.05 34.66
CA HIS B 104 -5.29 1.93 34.38
C HIS B 104 -5.17 1.77 32.87
N ASP B 105 -3.98 1.43 32.37
CA ASP B 105 -3.85 1.02 30.95
C ASP B 105 -4.32 2.18 30.07
N ILE B 106 -5.09 1.94 29.01
CA ILE B 106 -5.48 3.03 28.12
C ILE B 106 -6.44 4.02 28.79
N GLY B 107 -6.92 3.70 29.99
CA GLY B 107 -7.62 4.69 30.78
C GLY B 107 -6.77 5.93 31.02
N ILE B 108 -5.45 5.74 31.10
CA ILE B 108 -4.52 6.88 31.20
C ILE B 108 -4.56 7.72 29.92
N TRP B 109 -4.48 7.05 28.77
CA TRP B 109 -4.49 7.75 27.48
C TRP B 109 -5.74 8.60 27.33
N ASN B 110 -6.85 8.07 27.84
CA ASN B 110 -8.15 8.67 27.65
C ASN B 110 -8.56 9.65 28.73
N THR B 111 -7.67 9.89 29.68
CA THR B 111 -7.94 10.87 30.74
C THR B 111 -6.89 11.97 30.85
N TYR B 112 -5.64 11.69 30.46
CA TYR B 112 -4.59 12.67 30.69
C TYR B 112 -4.96 14.06 30.14
N PRO B 113 -5.49 14.15 28.92
CA PRO B 113 -5.78 15.50 28.43
C PRO B 113 -6.81 16.26 29.26
N MET B 114 -7.85 15.61 29.78
CA MET B 114 -8.80 16.38 30.57
C MET B 114 -8.25 16.71 31.96
N VAL B 115 -7.29 15.91 32.44
CA VAL B 115 -6.64 16.22 33.71
C VAL B 115 -5.77 17.47 33.57
N VAL B 116 -4.95 17.53 32.52
CA VAL B 116 -4.06 18.68 32.37
C VAL B 116 -4.81 19.96 32.02
N LYS B 117 -5.93 19.83 31.31
CA LYS B 117 -6.70 21.00 30.87
C LYS B 117 -7.74 21.48 31.89
N ASN B 118 -8.05 20.65 32.89
CA ASN B 118 -9.05 21.00 33.89
C ASN B 118 -8.53 20.67 35.27
N GLN B 119 -7.36 21.20 35.60
CA GLN B 119 -6.68 20.80 36.82
C GLN B 119 -7.48 21.13 38.07
N ALA B 120 -8.24 22.23 38.03
CA ALA B 120 -9.03 22.61 39.19
C ALA B 120 -10.15 21.60 39.48
N ASP B 121 -10.46 20.76 38.48
CA ASP B 121 -11.51 19.76 38.62
C ASP B 121 -11.00 18.44 39.20
N ILE B 122 -9.68 18.29 39.32
CA ILE B 122 -9.10 17.02 39.76
C ILE B 122 -8.41 17.14 41.11
N ALA B 123 -9.01 16.55 42.13
CA ALA B 123 -8.45 16.63 43.47
C ALA B 123 -7.15 15.82 43.60
N ARG B 124 -7.25 14.52 43.37
CA ARG B 124 -6.09 13.63 43.46
C ARG B 124 -6.13 12.66 42.28
N LEU B 125 -4.94 12.22 41.86
CA LEU B 125 -4.78 11.43 40.65
C LEU B 125 -4.01 10.16 40.93
N VAL B 126 -4.51 9.01 40.47
CA VAL B 126 -3.77 7.75 40.56
C VAL B 126 -3.70 7.15 39.17
N TYR B 127 -2.48 6.96 38.67
CA TYR B 127 -2.26 6.35 37.37
C TYR B 127 -1.48 5.05 37.56
N MET B 128 -1.91 3.99 36.89
CA MET B 128 -1.21 2.70 36.99
C MET B 128 -1.07 1.98 35.66
N GLU B 129 0.12 1.41 35.46
CA GLU B 129 0.35 0.45 34.39
C GLU B 129 -0.04 0.88 32.98
N ALA B 130 0.57 1.98 32.53
CA ALA B 130 0.57 2.37 31.13
C ALA B 130 1.37 3.65 30.96
N PRO B 131 2.07 3.77 29.83
CA PRO B 131 2.70 5.07 29.54
C PRO B 131 1.66 6.12 29.17
N ILE B 132 1.87 7.36 29.63
CA ILE B 132 1.18 8.49 29.00
C ILE B 132 1.73 8.53 27.56
N PRO B 133 0.86 8.70 26.55
CA PRO B 133 1.39 8.70 25.20
C PRO B 133 2.34 9.87 24.96
N ASP B 134 3.60 9.53 24.72
CA ASP B 134 4.63 10.50 24.37
C ASP B 134 5.77 9.77 23.67
N ALA B 135 6.85 10.48 23.35
CA ALA B 135 7.92 9.89 22.56
C ALA B 135 8.57 8.66 23.22
N ARG B 136 8.39 8.51 24.52
CA ARG B 136 8.98 7.36 25.21
C ARG B 136 8.48 6.03 24.65
N ILE B 137 7.27 6.02 24.11
CA ILE B 137 6.72 4.76 23.62
C ILE B 137 7.48 4.23 22.41
N TYR B 138 8.19 5.10 21.69
CA TYR B 138 8.92 4.68 20.50
C TYR B 138 10.24 4.00 20.85
N ARG B 139 10.56 3.91 22.15
CA ARG B 139 11.78 3.25 22.60
C ARG B 139 11.58 1.78 22.96
N PHE B 140 10.33 1.36 23.19
CA PHE B 140 10.07 -0.03 23.55
C PHE B 140 10.46 -0.94 22.39
N PRO B 141 11.10 -2.09 22.69
CA PRO B 141 11.58 -2.97 21.64
C PRO B 141 10.50 -3.87 21.02
N ALA B 142 10.73 -4.19 19.75
CA ALA B 142 9.85 -5.07 18.99
C ALA B 142 9.98 -6.51 19.44
N PHE B 143 11.11 -6.86 20.04
CA PHE B 143 11.43 -8.25 20.32
C PHE B 143 12.46 -8.31 21.44
N THR B 144 12.47 -9.41 22.20
CA THR B 144 13.41 -9.56 23.31
C THR B 144 14.11 -10.90 23.25
N ALA B 145 15.23 -11.02 23.96
CA ALA B 145 16.00 -12.27 24.00
C ALA B 145 15.24 -13.40 24.70
N GLN B 146 14.11 -13.07 25.32
CA GLN B 146 13.28 -14.06 25.99
C GLN B 146 12.01 -14.40 25.23
N GLY B 147 11.79 -13.74 24.10
CA GLY B 147 10.56 -13.93 23.35
C GLY B 147 9.81 -12.64 23.14
N GLU B 148 8.49 -12.73 23.08
CA GLU B 148 7.67 -11.57 22.72
C GLU B 148 7.84 -10.39 23.68
N SER B 149 7.89 -9.19 23.13
CA SER B 149 8.07 -7.98 23.91
C SER B 149 6.73 -7.52 24.49
N LEU B 150 6.80 -6.50 25.35
CA LEU B 150 5.61 -6.00 26.02
C LEU B 150 4.60 -5.31 25.12
N VAL B 151 5.05 -4.50 24.18
CA VAL B 151 4.11 -3.66 23.43
C VAL B 151 4.14 -3.81 21.91
N TRP B 152 4.56 -4.96 21.41
CA TRP B 152 4.44 -5.21 19.97
C TRP B 152 3.00 -5.05 19.49
N HIS B 153 2.05 -5.26 20.38
CA HIS B 153 0.64 -5.12 20.01
C HIS B 153 0.28 -3.69 19.61
N PHE B 154 1.08 -2.70 20.00
CA PHE B 154 0.79 -1.34 19.56
C PHE B 154 0.75 -1.33 18.03
N SER B 155 1.73 -1.99 17.41
CA SER B 155 1.75 -2.06 15.94
C SER B 155 0.65 -2.95 15.37
N PHE B 156 0.43 -4.11 15.99
CA PHE B 156 -0.60 -5.03 15.52
C PHE B 156 -1.95 -4.32 15.50
N PHE B 157 -2.26 -3.65 16.59
CA PHE B 157 -3.57 -3.03 16.74
C PHE B 157 -3.71 -1.75 15.90
N ALA B 158 -2.61 -1.03 15.69
CA ALA B 158 -2.66 0.22 14.91
C ALA B 158 -2.66 -0.04 13.42
N ALA B 159 -2.30 -1.26 13.02
CA ALA B 159 -2.19 -1.60 11.60
C ALA B 159 -3.51 -1.36 10.86
N ASP B 160 -3.40 -1.00 9.59
CA ASP B 160 -4.60 -0.78 8.79
C ASP B 160 -5.18 -2.08 8.22
N ASP B 161 -6.06 -1.99 7.23
CA ASP B 161 -6.75 -3.16 6.68
C ASP B 161 -7.57 -3.92 7.72
N ARG B 162 -7.89 -3.28 8.84
CA ARG B 162 -8.56 -3.96 9.95
C ARG B 162 -7.84 -5.27 10.27
N LEU B 163 -6.51 -5.20 10.27
CA LEU B 163 -5.69 -6.40 10.51
C LEU B 163 -6.10 -7.11 11.80
N ALA B 164 -6.16 -6.38 12.90
CA ALA B 164 -6.47 -7.00 14.18
C ALA B 164 -7.88 -7.59 14.24
N GLU B 165 -8.90 -6.81 13.82
CA GLU B 165 -10.27 -7.35 13.83
C GLU B 165 -10.37 -8.59 12.96
N THR B 166 -9.73 -8.56 11.80
CA THR B 166 -9.89 -9.66 10.85
C THR B 166 -9.26 -10.94 11.40
N LEU B 167 -8.10 -10.82 12.05
CA LEU B 167 -7.44 -12.01 12.55
C LEU B 167 -8.05 -12.50 13.86
N ILE B 168 -8.54 -11.57 14.67
CA ILE B 168 -9.02 -11.93 16.00
C ILE B 168 -10.49 -12.34 16.02
N ALA B 169 -11.29 -11.84 15.08
CA ALA B 169 -12.70 -12.25 15.04
C ALA B 169 -12.82 -13.77 14.93
N GLY B 170 -13.66 -14.34 15.78
CA GLY B 170 -13.82 -15.79 15.82
C GLY B 170 -12.82 -16.47 16.75
N LYS B 171 -11.84 -15.71 17.22
CA LYS B 171 -10.83 -16.24 18.14
CA LYS B 171 -10.82 -16.23 18.13
C LYS B 171 -10.59 -15.25 19.29
N GLU B 172 -11.64 -14.53 19.66
CA GLU B 172 -11.52 -13.47 20.66
C GLU B 172 -11.08 -13.98 22.03
N ARG B 173 -11.67 -15.11 22.46
CA ARG B 173 -11.36 -15.70 23.75
C ARG B 173 -9.93 -16.22 23.76
N PHE B 174 -9.55 -16.90 22.69
CA PHE B 174 -8.18 -17.39 22.55
C PHE B 174 -7.17 -16.25 22.61
N PHE B 175 -7.41 -15.21 21.83
CA PHE B 175 -6.46 -14.11 21.82
C PHE B 175 -6.36 -13.41 23.17
N LEU B 176 -7.51 -13.12 23.78
CA LEU B 176 -7.50 -12.37 25.02
C LEU B 176 -6.82 -13.15 26.15
N GLU B 177 -7.03 -14.46 26.20
CA GLU B 177 -6.31 -15.25 27.20
C GLU B 177 -4.80 -15.14 26.99
N HIS B 178 -4.34 -15.26 25.75
CA HIS B 178 -2.91 -15.14 25.51
C HIS B 178 -2.39 -13.76 25.92
N PHE B 179 -3.11 -12.73 25.48
CA PHE B 179 -2.72 -11.36 25.74
C PHE B 179 -2.68 -11.05 27.23
N ILE B 180 -3.73 -11.43 27.94
CA ILE B 180 -3.76 -11.14 29.37
C ILE B 180 -2.65 -11.91 30.08
N LYS B 181 -2.54 -13.20 29.78
CA LYS B 181 -1.57 -13.99 30.51
C LYS B 181 -0.12 -13.62 30.17
N SER B 182 0.14 -13.18 28.95
CA SER B 182 1.47 -12.76 28.56
C SER B 182 1.90 -11.47 29.26
N HIS B 183 0.93 -10.73 29.80
CA HIS B 183 1.22 -9.49 30.53
C HIS B 183 1.01 -9.63 32.02
N ALA B 184 0.87 -10.88 32.49
CA ALA B 184 0.57 -11.16 33.89
C ALA B 184 1.74 -11.86 34.56
N SER B 185 1.87 -11.63 35.86
CA SER B 185 2.70 -12.48 36.71
C SER B 185 1.84 -13.54 37.36
N ASN B 186 0.66 -13.12 37.80
CA ASN B 186 -0.25 -14.00 38.52
C ASN B 186 -1.38 -14.42 37.59
N THR B 187 -1.11 -15.43 36.77
CA THR B 187 -2.07 -15.86 35.77
C THR B 187 -3.27 -16.57 36.39
N GLU B 188 -3.08 -17.11 37.60
CA GLU B 188 -4.13 -17.89 38.25
C GLU B 188 -5.38 -17.07 38.55
N VAL B 189 -5.24 -15.76 38.73
CA VAL B 189 -6.38 -14.93 39.05
C VAL B 189 -7.33 -14.80 37.86
N PHE B 190 -6.85 -15.15 36.67
CA PHE B 190 -7.69 -15.13 35.48
C PHE B 190 -8.30 -16.49 35.21
N SER B 191 -9.40 -16.75 35.91
CA SER B 191 -10.13 -18.00 35.78
C SER B 191 -10.68 -18.09 34.37
N GLU B 192 -10.98 -19.31 33.91
CA GLU B 192 -11.58 -19.48 32.60
C GLU B 192 -12.87 -18.67 32.52
N ARG B 193 -13.61 -18.64 33.61
CA ARG B 193 -14.86 -17.90 33.69
C ARG B 193 -14.67 -16.38 33.50
N LEU B 194 -13.70 -15.81 34.21
CA LEU B 194 -13.43 -14.37 34.05
C LEU B 194 -13.01 -14.02 32.62
N LEU B 195 -12.20 -14.89 32.03
CA LEU B 195 -11.78 -14.69 30.65
C LEU B 195 -12.98 -14.77 29.71
N ASP B 196 -13.90 -15.69 29.99
CA ASP B 196 -15.10 -15.80 29.16
C ASP B 196 -15.90 -14.49 29.18
N LEU B 197 -16.03 -13.88 30.37
CA LEU B 197 -16.80 -12.64 30.50
C LEU B 197 -16.16 -11.48 29.72
N TYR B 198 -14.85 -11.31 29.88
CA TYR B 198 -14.19 -10.24 29.16
C TYR B 198 -14.20 -10.49 27.66
N ALA B 199 -13.99 -11.74 27.25
CA ALA B 199 -13.96 -12.05 25.82
C ALA B 199 -15.31 -11.77 25.17
N ARG B 200 -16.40 -12.11 25.83
CA ARG B 200 -17.71 -11.93 25.21
C ARG B 200 -18.01 -10.44 25.01
N SER B 201 -17.53 -9.60 25.93
CA SER B 201 -17.77 -8.17 25.81
C SER B 201 -17.01 -7.56 24.64
N TYR B 202 -15.71 -7.80 24.57
CA TYR B 202 -14.93 -7.17 23.51
C TYR B 202 -15.13 -7.84 22.16
N ALA B 203 -15.80 -8.99 22.13
CA ALA B 203 -16.12 -9.67 20.87
C ALA B 203 -17.28 -9.02 20.12
N LYS B 204 -18.08 -8.20 20.78
CA LYS B 204 -19.12 -7.47 20.06
C LYS B 204 -18.43 -6.73 18.91
N PRO B 205 -18.96 -6.85 17.68
CA PRO B 205 -18.22 -6.24 16.56
C PRO B 205 -17.81 -4.77 16.80
N HIS B 206 -18.71 -3.94 17.29
CA HIS B 206 -18.34 -2.54 17.46
C HIS B 206 -17.30 -2.34 18.58
N SER B 207 -17.29 -3.25 19.54
CA SER B 207 -16.31 -3.20 20.63
C SER B 207 -14.92 -3.72 20.22
N LEU B 208 -14.91 -4.73 19.36
CA LEU B 208 -13.65 -5.24 18.85
C LEU B 208 -12.96 -4.13 18.05
N ASN B 209 -13.73 -3.48 17.18
CA ASN B 209 -13.19 -2.36 16.42
C ASN B 209 -12.80 -1.19 17.31
N ALA B 210 -13.66 -0.81 18.25
CA ALA B 210 -13.36 0.29 19.15
C ALA B 210 -12.02 0.05 19.85
N SER B 211 -11.82 -1.17 20.32
CA SER B 211 -10.60 -1.53 21.02
C SER B 211 -9.37 -1.09 20.24
N PHE B 212 -9.37 -1.37 18.94
CA PHE B 212 -8.18 -1.10 18.15
C PHE B 212 -8.11 0.34 17.67
N GLU B 213 -9.27 0.99 17.54
CA GLU B 213 -9.27 2.40 17.17
C GLU B 213 -8.51 3.26 18.20
N TYR B 214 -8.49 2.86 19.46
CA TYR B 214 -7.69 3.59 20.45
C TYR B 214 -6.21 3.57 20.06
N PHE B 215 -5.76 2.44 19.53
CA PHE B 215 -4.38 2.30 19.09
C PHE B 215 -4.13 2.97 17.75
N ARG B 216 -5.13 2.98 16.88
CA ARG B 216 -5.00 3.67 15.60
C ARG B 216 -4.90 5.19 15.79
N ALA B 217 -5.36 5.67 16.95
CA ALA B 217 -5.23 7.08 17.29
C ALA B 217 -4.04 7.39 18.19
N LEU B 218 -3.23 6.38 18.51
CA LEU B 218 -2.13 6.58 19.46
C LEU B 218 -1.12 7.64 19.03
N ASN B 219 -0.67 7.61 17.77
CA ASN B 219 0.29 8.61 17.33
C ASN B 219 -0.31 10.01 17.37
N GLU B 220 -1.59 10.13 17.04
CA GLU B 220 -2.28 11.42 17.17
C GLU B 220 -2.32 11.87 18.63
N SER B 221 -2.59 10.93 19.54
CA SER B 221 -2.54 11.24 20.96
C SER B 221 -1.15 11.71 21.42
N VAL B 222 -0.10 11.05 20.92
CA VAL B 222 1.25 11.50 21.21
C VAL B 222 1.46 12.94 20.76
N ARG B 223 1.01 13.26 19.55
CA ARG B 223 1.17 14.62 19.03
C ARG B 223 0.37 15.62 19.85
N GLN B 224 -0.85 15.25 20.23
CA GLN B 224 -1.66 16.10 21.09
C GLN B 224 -0.94 16.37 22.42
N ASN B 225 -0.39 15.31 23.01
CA ASN B 225 0.18 15.43 24.34
C ASN B 225 1.47 16.24 24.33
N ALA B 226 2.12 16.30 23.18
CA ALA B 226 3.35 17.07 23.07
C ALA B 226 3.08 18.54 23.39
N GLU B 227 1.91 19.02 22.97
CA GLU B 227 1.51 20.38 23.29
C GLU B 227 0.95 20.49 24.71
N LEU B 228 0.12 19.53 25.10
CA LEU B 228 -0.51 19.60 26.42
C LEU B 228 0.52 19.60 27.56
N ALA B 229 1.59 18.84 27.38
CA ALA B 229 2.58 18.62 28.44
C ALA B 229 3.42 19.87 28.77
N LYS B 230 3.20 20.95 28.04
CA LYS B 230 3.84 22.23 28.37
C LYS B 230 3.35 22.72 29.73
N THR B 231 2.18 22.23 30.15
CA THR B 231 1.62 22.55 31.46
C THR B 231 1.75 21.35 32.39
N ARG B 232 2.55 21.50 33.43
CA ARG B 232 2.78 20.42 34.39
C ARG B 232 1.56 20.17 35.28
N LEU B 233 1.41 18.93 35.72
CA LEU B 233 0.33 18.58 36.64
C LEU B 233 0.66 19.01 38.06
N GLN B 234 -0.29 19.64 38.73
CA GLN B 234 -0.02 20.21 40.04
C GLN B 234 -0.69 19.49 41.22
N MET B 235 -1.65 18.61 40.92
CA MET B 235 -2.40 17.92 41.97
C MET B 235 -1.62 16.73 42.53
N PRO B 236 -1.91 16.34 43.78
CA PRO B 236 -1.25 15.16 44.36
C PRO B 236 -1.50 13.93 43.48
N THR B 237 -0.42 13.24 43.12
CA THR B 237 -0.49 12.10 42.21
C THR B 237 0.22 10.89 42.81
N MET B 238 -0.31 9.70 42.56
CA MET B 238 0.37 8.46 42.89
C MET B 238 0.42 7.57 41.66
N THR B 239 1.55 6.96 41.41
CA THR B 239 1.64 5.95 40.36
C THR B 239 1.81 4.58 40.99
N LEU B 240 1.21 3.57 40.34
CA LEU B 240 1.46 2.17 40.69
C LEU B 240 1.91 1.40 39.45
N ALA B 241 2.81 0.44 39.66
CA ALA B 241 3.27 -0.41 38.58
C ALA B 241 3.59 -1.79 39.12
N GLY B 242 3.49 -2.79 38.26
CA GLY B 242 3.88 -4.15 38.62
C GLY B 242 5.37 -4.33 38.49
N GLY B 243 5.98 -5.03 39.44
CA GLY B 243 7.41 -5.30 39.41
C GLY B 243 7.74 -6.66 38.84
N GLY B 244 6.69 -7.43 38.53
CA GLY B 244 6.85 -8.77 38.01
C GLY B 244 6.74 -8.82 36.49
N HIS B 245 6.76 -10.03 35.95
CA HIS B 245 6.57 -10.25 34.52
C HIS B 245 5.31 -9.55 34.03
N GLY B 246 5.46 -8.79 32.94
CA GLY B 246 4.31 -8.10 32.36
C GLY B 246 4.13 -6.67 32.82
N GLY B 247 4.81 -6.30 33.91
CA GLY B 247 4.65 -4.97 34.48
C GLY B 247 5.58 -3.93 33.89
N MET B 248 5.34 -2.67 34.25
CA MET B 248 6.11 -1.53 33.76
C MET B 248 7.27 -1.18 34.69
N GLY B 249 7.27 -1.69 35.92
CA GLY B 249 8.35 -1.43 36.85
C GLY B 249 8.57 0.06 37.05
N THR B 250 9.84 0.47 37.05
CA THR B 250 10.19 1.85 37.41
C THR B 250 9.76 2.87 36.37
N PHE B 251 9.36 2.41 35.19
CA PHE B 251 9.00 3.33 34.10
C PHE B 251 7.85 4.24 34.48
N GLN B 252 6.87 3.69 35.20
CA GLN B 252 5.66 4.44 35.50
C GLN B 252 5.98 5.72 36.28
N LEU B 253 6.69 5.59 37.39
CA LEU B 253 7.03 6.76 38.19
C LEU B 253 8.02 7.66 37.47
N GLU B 254 9.00 7.07 36.80
CA GLU B 254 10.02 7.88 36.14
C GLU B 254 9.41 8.78 35.07
N GLN B 255 8.48 8.23 34.28
CA GLN B 255 7.77 9.07 33.32
C GLN B 255 6.94 10.12 34.02
N MET B 256 6.23 9.73 35.07
CA MET B 256 5.31 10.65 35.71
C MET B 256 6.03 11.84 36.35
N LYS B 257 7.28 11.63 36.77
CA LYS B 257 8.07 12.71 37.35
C LYS B 257 8.25 13.85 36.35
N ALA B 258 8.20 13.53 35.06
CA ALA B 258 8.34 14.53 34.01
C ALA B 258 7.05 15.33 33.84
N TYR B 259 5.94 14.77 34.31
CA TYR B 259 4.63 15.39 34.13
C TYR B 259 4.08 16.07 35.37
N ALA B 260 4.44 15.55 36.55
CA ALA B 260 3.78 15.94 37.78
C ALA B 260 4.76 16.46 38.82
N GLU B 261 4.41 17.59 39.43
CA GLU B 261 5.24 18.22 40.46
C GLU B 261 5.22 17.44 41.78
N ASP B 262 4.07 16.86 42.10
CA ASP B 262 3.84 16.22 43.38
C ASP B 262 3.42 14.77 43.15
N VAL B 263 4.40 13.88 43.08
CA VAL B 263 4.12 12.49 42.78
C VAL B 263 4.87 11.53 43.68
N GLU B 264 4.18 10.47 44.12
CA GLU B 264 4.82 9.37 44.80
C GLU B 264 4.49 8.10 44.02
N GLY B 265 5.38 7.13 44.06
CA GLY B 265 5.17 5.93 43.27
C GLY B 265 5.46 4.66 44.04
N HIS B 266 4.80 3.59 43.64
CA HIS B 266 5.12 2.26 44.18
C HIS B 266 5.21 1.24 43.07
N VAL B 267 6.15 0.33 43.22
CA VAL B 267 6.27 -0.83 42.36
C VAL B 267 5.92 -2.05 43.21
N LEU B 268 5.00 -2.87 42.72
CA LEU B 268 4.50 -3.99 43.50
C LEU B 268 5.15 -5.29 43.07
N PRO B 269 6.05 -5.83 43.90
CA PRO B 269 6.71 -7.07 43.53
C PRO B 269 5.71 -8.23 43.39
N GLY B 270 5.96 -9.13 42.44
CA GLY B 270 5.11 -10.29 42.28
C GLY B 270 3.82 -10.02 41.53
N CYS B 271 3.75 -8.86 40.87
CA CYS B 271 2.54 -8.44 40.16
C CYS B 271 2.92 -7.97 38.78
N GLY B 272 2.09 -8.30 37.79
CA GLY B 272 2.30 -7.87 36.43
C GLY B 272 1.49 -6.64 36.05
N HIS B 273 0.92 -6.65 34.86
CA HIS B 273 0.21 -5.49 34.34
C HIS B 273 -1.16 -5.27 34.96
N TRP B 274 -1.84 -6.35 35.33
CA TRP B 274 -3.25 -6.31 35.67
C TRP B 274 -3.43 -6.12 37.17
N LEU B 275 -2.98 -4.99 37.69
CA LEU B 275 -2.89 -4.82 39.15
C LEU B 275 -4.20 -5.07 39.89
N PRO B 276 -5.33 -4.57 39.38
CA PRO B 276 -6.54 -4.74 40.20
C PRO B 276 -6.90 -6.21 40.43
N GLU B 277 -6.55 -7.09 39.50
CA GLU B 277 -6.86 -8.50 39.63
C GLU B 277 -5.69 -9.33 40.18
N GLU B 278 -4.49 -9.03 39.71
CA GLU B 278 -3.32 -9.80 40.14
C GLU B 278 -2.93 -9.49 41.56
N CYS B 279 -3.16 -8.26 41.97
CA CYS B 279 -2.71 -7.82 43.28
C CYS B 279 -3.72 -6.89 43.94
N ALA B 280 -4.94 -7.40 44.02
CA ALA B 280 -6.09 -6.63 44.49
C ALA B 280 -5.86 -6.04 45.87
N ALA B 281 -5.41 -6.87 46.81
CA ALA B 281 -5.35 -6.40 48.18
C ALA B 281 -4.38 -5.24 48.41
N PRO B 282 -3.11 -5.39 47.99
CA PRO B 282 -2.20 -4.25 48.15
C PRO B 282 -2.54 -3.05 47.26
N MET B 283 -2.97 -3.30 46.02
CA MET B 283 -3.37 -2.19 45.17
C MET B 283 -4.53 -1.42 45.80
N ASN B 284 -5.55 -2.15 46.26
CA ASN B 284 -6.70 -1.48 46.86
C ASN B 284 -6.27 -0.64 48.06
N ARG B 285 -5.42 -1.22 48.90
CA ARG B 285 -4.93 -0.54 50.11
C ARG B 285 -4.23 0.76 49.76
N LEU B 286 -3.34 0.70 48.77
CA LEU B 286 -2.55 1.88 48.41
C LEU B 286 -3.44 2.99 47.83
N VAL B 287 -4.38 2.61 46.99
CA VAL B 287 -5.35 3.57 46.44
C VAL B 287 -6.26 4.17 47.51
N ILE B 288 -6.84 3.33 48.37
CA ILE B 288 -7.76 3.83 49.39
C ILE B 288 -7.02 4.79 50.34
N ASP B 289 -5.82 4.41 50.75
CA ASP B 289 -5.06 5.26 51.68
C ASP B 289 -4.65 6.57 51.02
N PHE B 290 -4.22 6.50 49.76
CA PHE B 290 -3.81 7.72 49.08
C PHE B 290 -4.97 8.71 48.92
N LEU B 291 -6.14 8.20 48.54
CA LEU B 291 -7.30 9.06 48.35
C LEU B 291 -7.91 9.53 49.67
N SER B 292 -7.67 8.78 50.73
CA SER B 292 -8.26 9.11 52.03
C SER B 292 -7.45 10.16 52.80
N ARG B 293 -6.28 10.52 52.28
CA ARG B 293 -5.54 11.66 52.81
C ARG B 293 -6.34 12.94 52.59
N GLY B 294 -7.23 12.92 51.58
CA GLY B 294 -8.13 14.02 51.33
C GLY B 294 -9.44 13.82 52.07
N ARG B 295 -10.29 14.83 52.08
CA ARG B 295 -11.57 14.72 52.79
C ARG B 295 -12.49 13.72 52.11
N HIS B 296 -13.24 12.97 52.91
CA HIS B 296 -14.15 11.95 52.39
C HIS B 296 -15.27 11.69 53.40
N HIS B 297 -16.15 10.75 53.07
CA HIS B 297 -17.23 10.36 53.97
C HIS B 297 -16.70 9.48 55.11
N ALA C 1 -26.51 18.07 9.67
CA ALA C 1 -25.62 16.91 9.72
C ALA C 1 -24.18 17.30 9.38
N GLU C 2 -23.23 16.48 9.84
CA GLU C 2 -21.82 16.72 9.57
C GLU C 2 -21.21 15.44 9.05
N GLU C 3 -20.57 15.52 7.89
CA GLU C 3 -19.91 14.36 7.31
C GLU C 3 -18.67 13.95 8.09
N PHE C 4 -18.00 14.91 8.72
CA PHE C 4 -16.76 14.68 9.46
C PHE C 4 -16.82 15.39 10.79
N PRO C 5 -16.20 14.80 11.82
CA PRO C 5 -16.24 15.40 13.17
C PRO C 5 -15.44 16.69 13.25
N VAL C 6 -16.08 17.73 13.77
CA VAL C 6 -15.48 19.03 13.93
C VAL C 6 -14.57 19.01 15.16
N PRO C 7 -13.36 19.57 15.04
CA PRO C 7 -12.50 19.61 16.23
C PRO C 7 -13.13 20.47 17.32
N ASN C 8 -12.83 20.15 18.57
CA ASN C 8 -13.36 20.91 19.69
C ASN C 8 -13.09 22.40 19.54
N GLY C 9 -14.11 23.22 19.74
CA GLY C 9 -13.93 24.66 19.70
C GLY C 9 -14.07 25.27 18.33
N PHE C 10 -14.27 24.43 17.33
CA PHE C 10 -14.51 24.91 15.97
C PHE C 10 -16.00 24.87 15.66
N GLU C 11 -16.40 25.65 14.66
CA GLU C 11 -17.78 25.62 14.20
C GLU C 11 -17.87 25.22 12.74
N SER C 12 -18.90 24.45 12.42
CA SER C 12 -19.22 24.10 11.05
C SER C 12 -20.35 25.01 10.60
N ALA C 13 -20.16 25.71 9.49
CA ALA C 13 -21.16 26.66 9.03
C ALA C 13 -21.15 26.80 7.52
N TYR C 14 -22.00 27.67 6.99
CA TYR C 14 -22.11 27.87 5.55
C TYR C 14 -22.16 29.36 5.21
N ARG C 15 -21.61 29.70 4.07
CA ARG C 15 -21.74 31.06 3.55
C ARG C 15 -22.12 31.00 2.08
N GLU C 16 -23.15 31.74 1.71
CA GLU C 16 -23.54 31.84 0.32
C GLU C 16 -22.61 32.84 -0.38
N VAL C 17 -21.96 32.40 -1.45
CA VAL C 17 -21.06 33.24 -2.22
C VAL C 17 -21.44 33.16 -3.69
N ASP C 18 -21.81 34.28 -4.28
CA ASP C 18 -22.30 34.31 -5.66
C ASP C 18 -23.29 33.18 -5.95
N GLY C 19 -24.28 33.01 -5.07
CA GLY C 19 -25.35 32.05 -5.27
C GLY C 19 -25.00 30.60 -4.99
N VAL C 20 -23.82 30.36 -4.43
CA VAL C 20 -23.38 29.00 -4.10
C VAL C 20 -23.14 28.88 -2.59
N LYS C 21 -23.79 27.90 -1.98
CA LYS C 21 -23.63 27.70 -0.54
C LYS C 21 -22.35 26.91 -0.26
N LEU C 22 -21.37 27.57 0.35
CA LEU C 22 -20.09 26.92 0.66
C LEU C 22 -20.05 26.50 2.11
N HIS C 23 -19.64 25.26 2.35
CA HIS C 23 -19.45 24.78 3.72
C HIS C 23 -18.03 25.07 4.17
N TYR C 24 -17.87 25.41 5.44
CA TYR C 24 -16.52 25.59 5.99
C TYR C 24 -16.53 25.25 7.46
N VAL C 25 -15.34 24.98 7.98
CA VAL C 25 -15.12 24.81 9.41
C VAL C 25 -14.16 25.91 9.86
N LYS C 26 -14.51 26.57 10.95
CA LYS C 26 -13.80 27.78 11.39
C LYS C 26 -13.52 27.75 12.88
N GLY C 27 -12.35 28.25 13.26
CA GLY C 27 -11.98 28.32 14.67
C GLY C 27 -10.81 29.25 14.87
N GLY C 28 -10.59 29.66 16.11
CA GLY C 28 -9.42 30.47 16.43
C GLY C 28 -9.63 31.96 16.39
N GLN C 29 -8.55 32.68 16.65
CA GLN C 29 -8.55 34.14 16.69
C GLN C 29 -7.24 34.64 16.11
N GLY C 30 -7.28 35.83 15.52
CA GLY C 30 -6.09 36.40 14.91
C GLY C 30 -6.25 36.56 13.41
N PRO C 31 -5.14 36.83 12.71
CA PRO C 31 -5.18 36.97 11.25
C PRO C 31 -5.73 35.70 10.64
N LEU C 32 -6.34 35.81 9.46
CA LEU C 32 -7.00 34.68 8.81
C LEU C 32 -6.04 33.80 8.04
N VAL C 33 -6.20 32.49 8.21
CA VAL C 33 -5.55 31.52 7.34
C VAL C 33 -6.64 30.62 6.74
N MET C 34 -6.64 30.50 5.41
CA MET C 34 -7.58 29.61 4.73
C MET C 34 -6.84 28.38 4.25
N LEU C 35 -7.37 27.20 4.60
CA LEU C 35 -6.79 25.91 4.22
C LEU C 35 -7.70 25.26 3.18
N VAL C 36 -7.15 24.94 2.01
CA VAL C 36 -7.95 24.43 0.88
C VAL C 36 -7.51 23.02 0.48
N HIS C 37 -8.43 22.07 0.65
CA HIS C 37 -8.21 20.64 0.39
C HIS C 37 -8.18 20.27 -1.10
N GLY C 38 -7.93 19.00 -1.37
CA GLY C 38 -7.82 18.51 -2.73
C GLY C 38 -8.73 17.34 -3.06
N PHE C 39 -8.44 16.70 -4.19
CA PHE C 39 -9.25 15.61 -4.69
C PHE C 39 -9.25 14.40 -3.75
N GLY C 40 -10.42 13.79 -3.59
CA GLY C 40 -10.56 12.60 -2.78
C GLY C 40 -10.87 12.94 -1.34
N GLN C 41 -10.78 14.22 -0.99
CA GLN C 41 -10.89 14.61 0.39
C GLN C 41 -11.80 15.83 0.57
N THR C 42 -11.79 16.39 1.77
CA THR C 42 -12.62 17.54 2.13
C THR C 42 -11.82 18.35 3.16
N TRP C 43 -12.48 19.32 3.80
CA TRP C 43 -11.83 20.14 4.82
C TRP C 43 -11.14 19.26 5.86
N TYR C 44 -11.66 18.05 6.05
CA TYR C 44 -11.23 17.19 7.15
C TYR C 44 -9.76 16.82 7.08
N GLU C 45 -9.15 16.85 5.91
CA GLU C 45 -7.73 16.52 5.84
C GLU C 45 -6.91 17.44 6.75
N TRP C 46 -7.45 18.63 7.04
CA TRP C 46 -6.75 19.63 7.84
C TRP C 46 -7.06 19.54 9.34
N HIS C 47 -7.84 18.55 9.75
CA HIS C 47 -8.39 18.60 11.11
C HIS C 47 -7.35 18.48 12.23
N GLN C 48 -6.18 17.93 11.91
CA GLN C 48 -5.13 17.79 12.94
C GLN C 48 -4.28 19.05 13.02
N LEU C 49 -4.13 19.74 11.88
CA LEU C 49 -3.37 20.97 11.82
C LEU C 49 -4.18 22.15 12.38
N MET C 50 -5.50 22.10 12.20
CA MET C 50 -6.37 23.23 12.58
C MET C 50 -6.27 23.73 14.03
N PRO C 51 -6.33 22.82 15.02
CA PRO C 51 -6.27 23.26 16.42
C PRO C 51 -4.97 23.99 16.74
N GLU C 52 -3.85 23.53 16.18
CA GLU C 52 -2.55 24.13 16.42
CA GLU C 52 -2.58 24.18 16.47
C GLU C 52 -2.48 25.55 15.83
N LEU C 53 -2.94 25.68 14.59
CA LEU C 53 -2.98 26.99 13.94
C LEU C 53 -3.92 27.96 14.63
N ALA C 54 -5.02 27.44 15.16
CA ALA C 54 -6.04 28.29 15.78
C ALA C 54 -5.58 28.96 17.08
N LYS C 55 -4.42 28.54 17.58
CA LYS C 55 -3.83 29.18 18.75
C LYS C 55 -3.27 30.55 18.38
N ARG C 56 -3.02 30.76 17.08
CA ARG C 56 -2.35 31.98 16.61
C ARG C 56 -3.12 32.69 15.50
N PHE C 57 -4.03 31.96 14.85
CA PHE C 57 -4.75 32.48 13.70
C PHE C 57 -6.24 32.20 13.78
N THR C 58 -7.03 32.98 13.06
CA THR C 58 -8.38 32.53 12.73
C THR C 58 -8.23 31.59 11.53
N VAL C 59 -8.73 30.37 11.67
CA VAL C 59 -8.55 29.34 10.66
C VAL C 59 -9.89 29.00 10.00
N ILE C 60 -9.92 29.01 8.67
CA ILE C 60 -11.10 28.57 7.94
C ILE C 60 -10.70 27.49 6.93
N ALA C 61 -11.47 26.40 6.91
CA ALA C 61 -11.21 25.32 5.98
C ALA C 61 -12.51 25.03 5.23
N PRO C 62 -12.65 25.56 4.01
CA PRO C 62 -13.85 25.32 3.21
C PRO C 62 -13.85 23.99 2.46
N ASP C 63 -15.03 23.48 2.15
CA ASP C 63 -15.15 22.42 1.17
C ASP C 63 -15.20 23.05 -0.24
N LEU C 64 -14.42 22.51 -1.17
CA LEU C 64 -14.45 23.01 -2.55
C LEU C 64 -15.85 22.85 -3.13
N PRO C 65 -16.24 23.75 -4.04
CA PRO C 65 -17.56 23.64 -4.65
C PRO C 65 -17.86 22.24 -5.18
N GLY C 66 -19.01 21.71 -4.78
CA GLY C 66 -19.45 20.39 -5.20
C GLY C 66 -18.93 19.25 -4.33
N LEU C 67 -17.88 19.51 -3.56
CA LEU C 67 -17.27 18.48 -2.69
C LEU C 67 -17.64 18.72 -1.24
N GLY C 68 -17.43 17.71 -0.40
CA GLY C 68 -17.86 17.81 0.98
C GLY C 68 -19.31 18.26 1.03
N GLN C 69 -19.57 19.29 1.82
CA GLN C 69 -20.92 19.82 2.00
C GLN C 69 -21.15 21.14 1.25
N SER C 70 -20.30 21.44 0.28
CA SER C 70 -20.49 22.64 -0.55
C SER C 70 -21.26 22.37 -1.84
N GLU C 71 -22.12 23.30 -2.21
CA GLU C 71 -22.85 23.21 -3.47
C GLU C 71 -21.90 23.33 -4.65
N PRO C 72 -22.25 22.70 -5.79
CA PRO C 72 -21.47 22.88 -7.02
C PRO C 72 -21.38 24.34 -7.42
N PRO C 73 -20.32 24.69 -8.14
CA PRO C 73 -20.21 26.06 -8.66
C PRO C 73 -21.30 26.30 -9.69
N LYS C 74 -21.72 27.56 -9.81
CA LYS C 74 -22.71 27.91 -10.82
C LYS C 74 -22.06 28.42 -12.09
N THR C 75 -20.82 28.89 -11.99
CA THR C 75 -20.11 29.36 -13.18
C THR C 75 -19.44 28.18 -13.90
N GLY C 76 -18.49 27.55 -13.23
CA GLY C 76 -17.79 26.42 -13.81
C GLY C 76 -16.68 25.95 -12.89
N TYR C 77 -15.91 24.97 -13.36
CA TYR C 77 -14.93 24.30 -12.52
C TYR C 77 -13.48 24.66 -12.87
N SER C 78 -13.28 25.60 -13.79
CA SER C 78 -11.91 26.02 -14.11
C SER C 78 -11.33 26.76 -12.92
N GLY C 79 -10.00 26.80 -12.84
CA GLY C 79 -9.36 27.41 -11.69
C GLY C 79 -9.77 28.85 -11.47
N GLU C 80 -9.88 29.62 -12.55
CA GLU C 80 -10.23 31.02 -12.41
C GLU C 80 -11.66 31.19 -11.89
N GLN C 81 -12.59 30.34 -12.36
CA GLN C 81 -13.96 30.41 -11.88
C GLN C 81 -14.08 30.03 -10.41
N VAL C 82 -13.44 28.94 -10.02
CA VAL C 82 -13.58 28.47 -8.67
C VAL C 82 -12.87 29.41 -7.68
N ALA C 83 -11.76 29.98 -8.12
CA ALA C 83 -10.98 30.89 -7.26
C ALA C 83 -11.81 32.09 -6.81
N VAL C 84 -12.74 32.53 -7.64
CA VAL C 84 -13.60 33.64 -7.26
C VAL C 84 -14.37 33.32 -6.00
N TYR C 85 -14.93 32.11 -5.93
CA TYR C 85 -15.69 31.72 -4.75
C TYR C 85 -14.82 31.73 -3.49
N LEU C 86 -13.62 31.17 -3.60
CA LEU C 86 -12.73 31.06 -2.45
C LEU C 86 -12.17 32.40 -2.01
N HIS C 87 -11.86 33.26 -2.97
CA HIS C 87 -11.37 34.60 -2.66
C HIS C 87 -12.43 35.41 -1.92
N LYS C 88 -13.64 35.40 -2.47
CA LYS C 88 -14.75 36.12 -1.84
C LYS C 88 -15.05 35.59 -0.45
N LEU C 89 -15.01 34.26 -0.29
CA LEU C 89 -15.26 33.66 1.00
C LEU C 89 -14.26 34.17 2.03
N ALA C 90 -12.97 34.08 1.69
CA ALA C 90 -11.92 34.52 2.59
C ALA C 90 -12.06 36.00 2.94
N ARG C 91 -12.35 36.81 1.94
CA ARG C 91 -12.46 38.26 2.15
C ARG C 91 -13.68 38.68 2.98
N GLN C 92 -14.71 37.82 3.06
CA GLN C 92 -15.81 38.07 3.99
C GLN C 92 -15.31 38.08 5.43
N PHE C 93 -14.34 37.22 5.71
CA PHE C 93 -13.83 37.07 7.08
C PHE C 93 -12.64 37.97 7.33
N SER C 94 -11.98 38.38 6.25
CA SER C 94 -10.83 39.28 6.35
C SER C 94 -10.90 40.39 5.30
N PRO C 95 -11.87 41.30 5.45
CA PRO C 95 -12.12 42.32 4.43
C PRO C 95 -11.09 43.45 4.39
N ASP C 96 -10.37 43.66 5.49
CA ASP C 96 -9.50 44.83 5.63
C ASP C 96 -8.01 44.47 5.79
N ARG C 97 -7.70 43.18 5.78
CA ARG C 97 -6.32 42.74 5.96
C ARG C 97 -6.05 41.55 5.03
N PRO C 98 -4.79 41.41 4.59
CA PRO C 98 -4.43 40.22 3.81
C PRO C 98 -4.55 38.98 4.67
N PHE C 99 -4.74 37.83 4.03
CA PHE C 99 -4.85 36.56 4.74
C PHE C 99 -3.82 35.58 4.23
N ASP C 100 -3.59 34.50 4.98
CA ASP C 100 -2.68 33.45 4.55
C ASP C 100 -3.44 32.32 3.84
N LEU C 101 -2.74 31.61 2.97
CA LEU C 101 -3.35 30.52 2.23
C LEU C 101 -2.48 29.28 2.26
N VAL C 102 -3.11 28.14 2.54
CA VAL C 102 -2.46 26.84 2.45
C VAL C 102 -3.34 25.99 1.56
N ALA C 103 -2.77 25.38 0.51
CA ALA C 103 -3.56 24.58 -0.41
C ALA C 103 -2.84 23.30 -0.79
N HIS C 104 -3.63 22.24 -0.99
CA HIS C 104 -3.12 20.91 -1.29
C HIS C 104 -3.82 20.42 -2.56
N ASP C 105 -3.05 19.86 -3.48
CA ASP C 105 -3.62 19.16 -4.63
C ASP C 105 -4.46 20.13 -5.47
N ILE C 106 -5.71 19.78 -5.81
CA ILE C 106 -6.48 20.69 -6.65
C ILE C 106 -6.85 21.98 -5.93
N GLY C 107 -6.61 22.02 -4.62
CA GLY C 107 -6.70 23.30 -3.92
C GLY C 107 -5.79 24.34 -4.54
N ILE C 108 -4.67 23.89 -5.10
CA ILE C 108 -3.74 24.78 -5.80
C ILE C 108 -4.38 25.30 -7.08
N TRP C 109 -4.94 24.39 -7.87
CA TRP C 109 -5.59 24.78 -9.12
C TRP C 109 -6.66 25.83 -8.86
N ASN C 110 -7.38 25.64 -7.75
CA ASN C 110 -8.55 26.46 -7.45
C ASN C 110 -8.26 27.75 -6.68
N THR C 111 -6.99 28.01 -6.40
CA THR C 111 -6.58 29.22 -5.71
C THR C 111 -5.55 30.05 -6.46
N TYR C 112 -4.73 29.43 -7.29
CA TYR C 112 -3.68 30.18 -7.95
C TYR C 112 -4.18 31.46 -8.65
N PRO C 113 -5.28 31.36 -9.42
CA PRO C 113 -5.72 32.58 -10.11
C PRO C 113 -6.08 33.71 -9.15
N MET C 114 -6.69 33.41 -8.01
CA MET C 114 -7.04 34.52 -7.13
C MET C 114 -5.81 35.08 -6.40
N VAL C 115 -4.78 34.26 -6.23
CA VAL C 115 -3.55 34.75 -5.62
C VAL C 115 -2.85 35.73 -6.56
N VAL C 116 -2.71 35.34 -7.82
CA VAL C 116 -2.01 36.18 -8.78
C VAL C 116 -2.81 37.44 -9.11
N LYS C 117 -4.14 37.35 -9.06
CA LYS C 117 -4.97 38.51 -9.41
C LYS C 117 -5.21 39.46 -8.24
N ASN C 118 -4.92 38.99 -7.03
CA ASN C 118 -5.13 39.78 -5.82
C ASN C 118 -3.95 39.65 -4.87
N GLN C 119 -2.75 39.92 -5.37
CA GLN C 119 -1.55 39.63 -4.59
C GLN C 119 -1.55 40.34 -3.25
N ALA C 120 -2.06 41.56 -3.20
CA ALA C 120 -2.07 42.32 -1.95
C ALA C 120 -2.94 41.68 -0.86
N ASP C 121 -3.85 40.81 -1.26
CA ASP C 121 -4.73 40.12 -0.31
C ASP C 121 -4.09 38.88 0.33
N ILE C 122 -2.94 38.45 -0.20
CA ILE C 122 -2.30 37.21 0.24
C ILE C 122 -0.98 37.51 0.93
N ALA C 123 -0.95 37.36 2.25
CA ALA C 123 0.25 37.67 3.01
C ALA C 123 1.34 36.63 2.80
N ARG C 124 0.99 35.37 3.02
CA ARG C 124 1.92 34.26 2.88
C ARG C 124 1.19 33.08 2.29
N LEU C 125 1.92 32.24 1.56
CA LEU C 125 1.33 31.17 0.77
C LEU C 125 2.07 29.87 0.95
N VAL C 126 1.33 28.78 1.18
CA VAL C 126 1.91 27.44 1.21
C VAL C 126 1.17 26.55 0.22
N TYR C 127 1.91 26.00 -0.73
CA TYR C 127 1.35 25.08 -1.71
C TYR C 127 2.00 23.71 -1.57
N MET C 128 1.19 22.66 -1.64
CA MET C 128 1.74 21.31 -1.53
C MET C 128 1.10 20.30 -2.47
N GLU C 129 1.94 19.49 -3.09
CA GLU C 129 1.50 18.23 -3.70
C GLU C 129 0.49 18.37 -4.83
N ALA C 130 0.86 19.13 -5.87
CA ALA C 130 0.21 19.11 -7.17
C ALA C 130 0.83 20.17 -8.05
N PRO C 131 0.87 19.92 -9.36
CA PRO C 131 1.31 20.95 -10.29
C PRO C 131 0.30 22.09 -10.38
N ILE C 132 0.81 23.31 -10.48
CA ILE C 132 -0.01 24.40 -10.96
C ILE C 132 -0.32 24.05 -12.42
N PRO C 133 -1.59 24.22 -12.85
CA PRO C 133 -1.88 23.83 -14.23
C PRO C 133 -1.14 24.68 -15.26
N ASP C 134 -0.22 24.04 -15.97
CA ASP C 134 0.50 24.67 -17.08
C ASP C 134 1.01 23.59 -18.02
N ALA C 135 1.82 23.98 -18.98
CA ALA C 135 2.28 23.04 -20.01
C ALA C 135 3.08 21.86 -19.45
N ARG C 136 3.61 22.01 -18.25
CA ARG C 136 4.35 20.92 -17.61
C ARG C 136 3.47 19.68 -17.41
N ILE C 137 2.16 19.88 -17.29
CA ILE C 137 1.31 18.70 -17.02
C ILE C 137 1.27 17.72 -18.19
N TYR C 138 1.59 18.20 -19.39
CA TYR C 138 1.57 17.35 -20.58
C TYR C 138 2.86 16.55 -20.71
N ARG C 139 3.79 16.76 -19.79
CA ARG C 139 5.06 16.03 -19.84
C ARG C 139 5.11 14.85 -18.87
N PHE C 140 4.13 14.73 -17.98
CA PHE C 140 4.06 13.58 -17.09
C PHE C 140 3.76 12.34 -17.93
N PRO C 141 4.36 11.18 -17.59
CA PRO C 141 4.18 9.97 -18.39
C PRO C 141 2.90 9.19 -18.07
N ALA C 142 2.41 8.49 -19.09
CA ALA C 142 1.24 7.65 -18.95
C ALA C 142 1.54 6.39 -18.14
N PHE C 143 2.80 5.97 -18.14
CA PHE C 143 3.18 4.67 -17.58
C PHE C 143 4.65 4.75 -17.21
N THR C 144 5.05 4.07 -16.13
CA THR C 144 6.45 4.12 -15.70
C THR C 144 7.03 2.72 -15.55
N ALA C 145 8.35 2.65 -15.47
CA ALA C 145 9.02 1.36 -15.32
C ALA C 145 8.69 0.66 -14.00
N GLN C 146 7.99 1.35 -13.08
CA GLN C 146 7.53 0.74 -11.82
C GLN C 146 6.06 0.31 -11.85
N GLY C 147 5.30 0.86 -12.79
CA GLY C 147 3.87 0.62 -12.88
C GLY C 147 3.07 1.87 -13.14
N GLU C 148 1.88 1.96 -12.56
CA GLU C 148 1.02 3.10 -12.84
C GLU C 148 1.70 4.42 -12.48
N SER C 149 1.48 5.42 -13.31
CA SER C 149 2.15 6.71 -13.15
C SER C 149 1.39 7.61 -12.20
N LEU C 150 1.95 8.78 -11.89
CA LEU C 150 1.33 9.67 -10.92
C LEU C 150 0.01 10.22 -11.39
N VAL C 151 -0.09 10.60 -12.67
CA VAL C 151 -1.26 11.37 -13.10
C VAL C 151 -2.01 10.82 -14.30
N TRP C 152 -1.89 9.52 -14.52
CA TRP C 152 -2.68 8.91 -15.60
C TRP C 152 -4.18 9.15 -15.42
N HIS C 153 -4.62 9.34 -14.17
CA HIS C 153 -6.03 9.58 -13.89
C HIS C 153 -6.53 10.91 -14.46
N PHE C 154 -5.61 11.81 -14.81
CA PHE C 154 -6.03 13.05 -15.46
C PHE C 154 -6.85 12.69 -16.71
N SER C 155 -6.35 11.74 -17.50
CA SER C 155 -7.06 11.29 -18.69
C SER C 155 -8.35 10.55 -18.38
N PHE C 156 -8.29 9.66 -17.39
CA PHE C 156 -9.45 8.87 -16.98
C PHE C 156 -10.58 9.81 -16.56
N PHE C 157 -10.26 10.77 -15.70
CA PHE C 157 -11.27 11.66 -15.14
C PHE C 157 -11.76 12.68 -16.17
N ALA C 158 -10.90 13.06 -17.10
CA ALA C 158 -11.28 14.05 -18.12
C ALA C 158 -12.03 13.45 -19.30
N ALA C 159 -12.00 12.11 -19.43
CA ALA C 159 -12.60 11.45 -20.58
C ALA C 159 -14.08 11.75 -20.74
N ASP C 160 -14.52 11.78 -22.00
CA ASP C 160 -15.91 12.01 -22.36
C ASP C 160 -16.82 10.85 -21.96
N ASP C 161 -18.12 11.01 -22.19
CA ASP C 161 -19.10 9.95 -21.97
C ASP C 161 -19.28 9.62 -20.48
N ARG C 162 -18.88 10.52 -19.60
CA ARG C 162 -18.92 10.25 -18.16
CA ARG C 162 -18.93 10.24 -18.16
C ARG C 162 -18.28 8.89 -17.87
N LEU C 163 -17.17 8.61 -18.53
CA LEU C 163 -16.45 7.36 -18.35
C LEU C 163 -16.18 7.08 -16.86
N ALA C 164 -15.58 8.05 -16.17
CA ALA C 164 -15.20 7.84 -14.77
C ALA C 164 -16.39 7.62 -13.83
N GLU C 165 -17.41 8.48 -13.88
CA GLU C 165 -18.59 8.26 -13.03
C GLU C 165 -19.26 6.94 -13.33
N THR C 166 -19.32 6.58 -14.60
CA THR C 166 -20.04 5.38 -14.98
C THR C 166 -19.35 4.14 -14.42
N LEU C 167 -18.03 4.11 -14.47
CA LEU C 167 -17.29 2.97 -13.92
C LEU C 167 -17.21 3.00 -12.40
N ILE C 168 -17.10 4.19 -11.81
CA ILE C 168 -16.85 4.30 -10.37
C ILE C 168 -18.11 4.35 -9.50
N ALA C 169 -19.23 4.78 -10.05
CA ALA C 169 -20.46 4.80 -9.26
C ALA C 169 -20.76 3.41 -8.72
N GLY C 170 -21.08 3.34 -7.42
CA GLY C 170 -21.32 2.06 -6.77
C GLY C 170 -20.05 1.37 -6.27
N LYS C 171 -18.89 1.86 -6.70
CA LYS C 171 -17.61 1.30 -6.28
CA LYS C 171 -17.61 1.30 -6.31
C LYS C 171 -16.69 2.39 -5.76
N GLU C 172 -17.30 3.45 -5.24
CA GLU C 172 -16.56 4.62 -4.80
C GLU C 172 -15.58 4.29 -3.67
N ARG C 173 -16.02 3.46 -2.73
CA ARG C 173 -15.19 3.11 -1.60
C ARG C 173 -13.97 2.27 -2.01
N PHE C 174 -14.20 1.33 -2.92
CA PHE C 174 -13.11 0.53 -3.46
C PHE C 174 -12.14 1.43 -4.21
N PHE C 175 -12.68 2.31 -5.07
CA PHE C 175 -11.81 3.10 -5.90
C PHE C 175 -10.96 4.05 -5.07
N LEU C 176 -11.58 4.67 -4.07
CA LEU C 176 -10.89 5.69 -3.31
C LEU C 176 -9.75 5.07 -2.49
N GLU C 177 -9.98 3.87 -1.94
CA GLU C 177 -8.91 3.21 -1.19
C GLU C 177 -7.72 2.93 -2.11
N HIS C 178 -8.00 2.47 -3.33
CA HIS C 178 -6.91 2.21 -4.25
C HIS C 178 -6.19 3.50 -4.63
N PHE C 179 -6.96 4.52 -4.98
CA PHE C 179 -6.37 5.79 -5.40
C PHE C 179 -5.50 6.40 -4.29
N ILE C 180 -6.02 6.42 -3.07
CA ILE C 180 -5.27 7.03 -1.98
C ILE C 180 -4.01 6.24 -1.67
N LYS C 181 -4.16 4.93 -1.51
CA LYS C 181 -3.00 4.13 -1.12
C LYS C 181 -1.94 4.08 -2.23
N SER C 182 -2.38 4.09 -3.49
CA SER C 182 -1.41 4.06 -4.58
C SER C 182 -0.60 5.35 -4.64
N HIS C 183 -1.11 6.42 -4.04
CA HIS C 183 -0.39 7.68 -3.99
C HIS C 183 0.25 7.96 -2.63
N ALA C 184 0.35 6.93 -1.80
CA ALA C 184 0.92 7.07 -0.45
C ALA C 184 2.20 6.28 -0.24
N SER C 185 3.00 6.76 0.72
CA SER C 185 4.17 6.04 1.23
C SER C 185 3.80 5.37 2.54
N ASN C 186 3.20 6.14 3.44
CA ASN C 186 2.72 5.63 4.71
CA ASN C 186 2.73 5.65 4.72
C ASN C 186 1.24 5.32 4.60
N THR C 187 0.95 4.18 3.98
CA THR C 187 -0.42 3.78 3.71
C THR C 187 -1.20 3.48 4.96
N GLU C 188 -0.50 3.11 6.03
CA GLU C 188 -1.11 2.64 7.27
CA GLU C 188 -1.14 2.65 7.27
C GLU C 188 -2.07 3.67 7.92
N VAL C 189 -1.85 4.96 7.66
CA VAL C 189 -2.71 5.98 8.23
C VAL C 189 -4.13 5.96 7.65
N PHE C 190 -4.28 5.29 6.51
CA PHE C 190 -5.60 5.22 5.89
C PHE C 190 -6.36 3.99 6.36
N SER C 191 -6.85 4.11 7.59
CA SER C 191 -7.65 3.07 8.20
C SER C 191 -8.93 2.89 7.42
N GLU C 192 -9.54 1.72 7.56
CA GLU C 192 -10.83 1.47 6.94
C GLU C 192 -11.89 2.50 7.39
N ARG C 193 -11.84 2.89 8.67
CA ARG C 193 -12.74 3.90 9.23
C ARG C 193 -12.57 5.25 8.55
N LEU C 194 -11.31 5.67 8.34
CA LEU C 194 -11.07 6.97 7.71
C LEU C 194 -11.47 6.96 6.23
N LEU C 195 -11.16 5.87 5.55
CA LEU C 195 -11.56 5.71 4.16
C LEU C 195 -13.09 5.68 4.01
N ASP C 196 -13.79 5.07 4.98
CA ASP C 196 -15.25 5.08 4.94
C ASP C 196 -15.77 6.52 4.96
N LEU C 197 -15.18 7.37 5.81
CA LEU C 197 -15.62 8.76 5.92
C LEU C 197 -15.45 9.51 4.61
N TYR C 198 -14.26 9.43 4.03
CA TYR C 198 -14.03 10.13 2.79
C TYR C 198 -14.86 9.57 1.65
N ALA C 199 -15.00 8.25 1.59
CA ALA C 199 -15.75 7.64 0.50
C ALA C 199 -17.22 8.03 0.55
N ARG C 200 -17.81 8.06 1.75
CA ARG C 200 -19.22 8.39 1.86
C ARG C 200 -19.47 9.79 1.33
N SER C 201 -18.52 10.70 1.54
CA SER C 201 -18.68 12.06 1.06
C SER C 201 -18.63 12.18 -0.45
N TYR C 202 -17.59 11.62 -1.06
CA TYR C 202 -17.47 11.82 -2.50
C TYR C 202 -18.39 10.92 -3.32
N ALA C 203 -19.06 9.98 -2.65
CA ALA C 203 -20.06 9.11 -3.29
C ALA C 203 -21.40 9.78 -3.52
N LYS C 204 -21.65 10.92 -2.86
CA LYS C 204 -22.84 11.70 -3.20
C LYS C 204 -22.74 11.94 -4.71
N PRO C 205 -23.80 11.62 -5.47
CA PRO C 205 -23.69 11.71 -6.94
C PRO C 205 -23.18 13.07 -7.42
N HIS C 206 -23.63 14.17 -6.84
CA HIS C 206 -23.14 15.47 -7.31
C HIS C 206 -21.66 15.69 -6.96
N SER C 207 -21.18 15.03 -5.91
CA SER C 207 -19.79 15.17 -5.50
C SER C 207 -18.88 14.31 -6.36
N LEU C 208 -19.36 13.13 -6.74
CA LEU C 208 -18.59 12.28 -7.63
C LEU C 208 -18.39 12.98 -8.97
N ASN C 209 -19.48 13.53 -9.51
CA ASN C 209 -19.38 14.27 -10.76
C ASN C 209 -18.54 15.53 -10.58
N ALA C 210 -18.77 16.29 -9.52
CA ALA C 210 -17.97 17.50 -9.29
C ALA C 210 -16.48 17.18 -9.30
N SER C 211 -16.10 16.10 -8.61
CA SER C 211 -14.69 15.69 -8.54
C SER C 211 -14.08 15.65 -9.92
N PHE C 212 -14.77 15.02 -10.86
CA PHE C 212 -14.22 14.85 -12.19
C PHE C 212 -14.32 16.09 -13.06
N GLU C 213 -15.28 16.96 -12.76
CA GLU C 213 -15.40 18.21 -13.51
C GLU C 213 -14.17 19.11 -13.33
N TYR C 214 -13.49 19.01 -12.19
CA TYR C 214 -12.25 19.75 -12.01
C TYR C 214 -11.21 19.33 -13.02
N PHE C 215 -11.18 18.03 -13.33
CA PHE C 215 -10.24 17.51 -14.31
C PHE C 215 -10.68 17.80 -15.74
N ARG C 216 -11.98 17.80 -15.97
CA ARG C 216 -12.52 18.16 -17.27
C ARG C 216 -12.27 19.64 -17.60
N ALA C 217 -12.00 20.44 -16.58
CA ALA C 217 -11.68 21.86 -16.77
C ALA C 217 -10.17 22.14 -16.75
N LEU C 218 -9.36 21.09 -16.59
CA LEU C 218 -7.92 21.26 -16.42
C LEU C 218 -7.27 21.96 -17.62
N ASN C 219 -7.64 21.55 -18.83
CA ASN C 219 -7.05 22.19 -20.02
C ASN C 219 -7.43 23.65 -20.11
N GLU C 220 -8.66 23.98 -19.72
CA GLU C 220 -9.07 25.37 -19.64
C GLU C 220 -8.23 26.14 -18.61
N SER C 221 -8.00 25.52 -17.45
CA SER C 221 -7.18 26.15 -16.42
C SER C 221 -5.76 26.42 -16.90
N VAL C 222 -5.20 25.47 -17.64
CA VAL C 222 -3.88 25.65 -18.24
C VAL C 222 -3.89 26.88 -19.14
N ARG C 223 -4.92 27.01 -19.97
CA ARG C 223 -5.02 28.16 -20.89
C ARG C 223 -5.14 29.46 -20.11
N GLN C 224 -5.94 29.45 -19.04
CA GLN C 224 -6.08 30.63 -18.19
C GLN C 224 -4.74 31.04 -17.59
N ASN C 225 -4.01 30.05 -17.09
CA ASN C 225 -2.78 30.32 -16.35
C ASN C 225 -1.63 30.76 -17.23
N ALA C 226 -1.72 30.47 -18.53
CA ALA C 226 -0.69 30.89 -19.47
C ALA C 226 -0.62 32.41 -19.51
N GLU C 227 -1.79 33.05 -19.41
CA GLU C 227 -1.87 34.50 -19.33
C GLU C 227 -1.49 35.02 -17.95
N LEU C 228 -2.05 34.40 -16.91
CA LEU C 228 -1.84 34.89 -15.54
C LEU C 228 -0.39 34.84 -15.11
N ALA C 229 0.33 33.83 -15.57
CA ALA C 229 1.71 33.60 -15.14
C ALA C 229 2.68 34.64 -15.67
N LYS C 230 2.20 35.57 -16.47
CA LYS C 230 3.03 36.67 -16.94
C LYS C 230 3.42 37.61 -15.80
N THR C 231 2.73 37.49 -14.67
CA THR C 231 3.09 38.22 -13.45
C THR C 231 3.48 37.24 -12.36
N ARG C 232 4.72 37.33 -11.88
CA ARG C 232 5.20 36.43 -10.82
C ARG C 232 4.61 36.80 -9.46
N LEU C 233 4.49 35.80 -8.59
CA LEU C 233 4.03 36.01 -7.23
C LEU C 233 5.11 36.67 -6.39
N GLN C 234 4.74 37.68 -5.61
CA GLN C 234 5.71 38.49 -4.88
C GLN C 234 5.77 38.20 -3.37
N MET C 235 4.78 37.49 -2.85
CA MET C 235 4.70 37.26 -1.41
C MET C 235 5.49 36.02 -0.98
N PRO C 236 5.83 35.91 0.32
CA PRO C 236 6.58 34.73 0.76
C PRO C 236 5.80 33.45 0.53
N THR C 237 6.46 32.49 -0.09
CA THR C 237 5.84 31.22 -0.47
CA THR C 237 5.82 31.22 -0.39
C THR C 237 6.67 30.04 0.04
N MET C 238 5.99 28.96 0.41
CA MET C 238 6.67 27.72 0.74
C MET C 238 5.97 26.60 -0.02
N THR C 239 6.76 25.68 -0.58
CA THR C 239 6.20 24.46 -1.16
C THR C 239 6.59 23.25 -0.34
N LEU C 240 5.65 22.31 -0.24
CA LEU C 240 5.93 21.00 0.33
C LEU C 240 5.60 19.91 -0.67
N ALA C 241 6.37 18.82 -0.64
CA ALA C 241 6.09 17.67 -1.49
C ALA C 241 6.57 16.42 -0.77
N GLY C 242 5.92 15.30 -1.05
CA GLY C 242 6.41 14.03 -0.55
C GLY C 242 7.58 13.51 -1.37
N GLY C 243 8.56 12.94 -0.68
CA GLY C 243 9.68 12.29 -1.34
C GLY C 243 9.54 10.78 -1.47
N GLY C 244 8.47 10.24 -0.90
CA GLY C 244 8.24 8.79 -0.97
C GLY C 244 7.29 8.44 -2.10
N HIS C 245 6.87 7.17 -2.12
CA HIS C 245 5.94 6.71 -3.13
C HIS C 245 4.72 7.60 -3.25
N GLY C 246 4.39 8.02 -4.48
CA GLY C 246 3.20 8.81 -4.71
C GLY C 246 3.36 10.32 -4.61
N GLY C 247 4.54 10.76 -4.17
CA GLY C 247 4.79 12.17 -3.99
C GLY C 247 5.33 12.86 -5.24
N MET C 248 5.28 14.19 -5.23
CA MET C 248 5.74 15.00 -6.35
C MET C 248 7.24 15.24 -6.33
N GLY C 249 7.89 14.98 -5.19
CA GLY C 249 9.33 15.16 -5.10
C GLY C 249 9.80 16.55 -5.49
N THR C 250 10.90 16.61 -6.24
CA THR C 250 11.50 17.90 -6.56
C THR C 250 10.69 18.75 -7.52
N PHE C 251 9.67 18.17 -8.16
CA PHE C 251 8.90 18.92 -9.15
C PHE C 251 8.23 20.13 -8.54
N GLN C 252 7.72 19.97 -7.32
CA GLN C 252 6.93 21.03 -6.70
C GLN C 252 7.69 22.34 -6.59
N LEU C 253 8.87 22.30 -5.99
CA LEU C 253 9.70 23.50 -5.87
C LEU C 253 10.18 23.98 -7.22
N GLU C 254 10.58 23.06 -8.08
CA GLU C 254 11.15 23.47 -9.36
C GLU C 254 10.14 24.24 -10.21
N GLN C 255 8.89 23.78 -10.22
CA GLN C 255 7.86 24.53 -10.93
C GLN C 255 7.57 25.85 -10.24
N MET C 256 7.50 25.84 -8.92
CA MET C 256 7.16 27.06 -8.19
C MET C 256 8.17 28.19 -8.41
N LYS C 257 9.43 27.83 -8.64
CA LYS C 257 10.45 28.83 -8.88
C LYS C 257 10.13 29.68 -10.11
N ALA C 258 9.39 29.11 -11.05
CA ALA C 258 8.99 29.85 -12.25
C ALA C 258 7.88 30.84 -11.96
N TYR C 259 7.16 30.61 -10.85
CA TYR C 259 5.98 31.40 -10.51
C TYR C 259 6.22 32.41 -9.39
N ALA C 260 7.22 32.17 -8.56
CA ALA C 260 7.38 32.94 -7.32
C ALA C 260 8.79 33.50 -7.13
N GLU C 261 8.87 34.77 -6.72
CA GLU C 261 10.15 35.42 -6.47
C GLU C 261 10.79 34.94 -5.17
N ASP C 262 9.94 34.66 -4.18
CA ASP C 262 10.37 34.32 -2.84
C ASP C 262 9.79 32.95 -2.46
N VAL C 263 10.57 31.90 -2.69
CA VAL C 263 10.07 30.55 -2.41
C VAL C 263 11.12 29.67 -1.74
N GLU C 264 10.68 28.93 -0.74
CA GLU C 264 11.51 27.90 -0.12
C GLU C 264 10.72 26.60 -0.20
N GLY C 265 11.42 25.52 -0.46
CA GLY C 265 10.76 24.25 -0.68
C GLY C 265 11.31 23.15 0.21
N HIS C 266 10.45 22.18 0.50
CA HIS C 266 10.84 21.02 1.27
C HIS C 266 10.27 19.75 0.64
N VAL C 267 11.08 18.71 0.59
CA VAL C 267 10.63 17.39 0.22
C VAL C 267 10.71 16.53 1.48
N LEU C 268 9.60 15.91 1.86
CA LEU C 268 9.52 15.16 3.11
C LEU C 268 9.75 13.68 2.83
N PRO C 269 10.85 13.12 3.34
CA PRO C 269 11.15 11.72 3.04
C PRO C 269 10.16 10.76 3.70
N GLY C 270 9.85 9.67 3.01
CA GLY C 270 8.97 8.65 3.55
C GLY C 270 7.52 9.08 3.58
N CYS C 271 7.19 10.10 2.79
CA CYS C 271 5.83 10.63 2.73
C CYS C 271 5.42 10.73 1.28
N GLY C 272 4.18 10.35 0.96
CA GLY C 272 3.70 10.44 -0.41
C GLY C 272 2.87 11.68 -0.64
N HIS C 273 1.71 11.51 -1.27
CA HIS C 273 0.88 12.65 -1.65
C HIS C 273 0.12 13.27 -0.49
N TRP C 274 -0.24 12.46 0.49
CA TRP C 274 -1.23 12.86 1.50
C TRP C 274 -0.55 13.39 2.74
N LEU C 275 0.19 14.50 2.58
CA LEU C 275 1.08 14.98 3.63
C LEU C 275 0.43 15.16 5.01
N PRO C 276 -0.76 15.80 5.09
CA PRO C 276 -1.30 16.07 6.42
C PRO C 276 -1.57 14.80 7.24
N GLU C 277 -1.86 13.69 6.56
CA GLU C 277 -2.17 12.44 7.22
C GLU C 277 -0.99 11.49 7.31
N GLU C 278 -0.19 11.40 6.26
CA GLU C 278 0.97 10.51 6.24
C GLU C 278 2.10 11.01 7.14
N CYS C 279 2.24 12.32 7.21
CA CYS C 279 3.39 12.91 7.87
C CYS C 279 2.97 14.16 8.64
N ALA C 280 1.99 13.98 9.52
CA ALA C 280 1.39 15.10 10.27
C ALA C 280 2.40 15.91 11.09
N ALA C 281 3.25 15.24 11.85
CA ALA C 281 4.17 15.99 12.70
C ALA C 281 5.11 16.92 11.91
N PRO C 282 5.85 16.40 10.93
CA PRO C 282 6.74 17.34 10.25
C PRO C 282 6.00 18.34 9.37
N MET C 283 4.92 17.91 8.72
CA MET C 283 4.19 18.85 7.87
C MET C 283 3.57 19.97 8.68
N ASN C 284 2.91 19.63 9.78
CA ASN C 284 2.27 20.64 10.61
C ASN C 284 3.31 21.63 11.12
N ARG C 285 4.46 21.12 11.51
CA ARG C 285 5.52 21.97 12.04
C ARG C 285 6.02 22.95 10.98
N LEU C 286 6.26 22.44 9.77
CA LEU C 286 6.72 23.32 8.70
C LEU C 286 5.70 24.43 8.42
N VAL C 287 4.42 24.07 8.38
CA VAL C 287 3.39 25.06 8.08
C VAL C 287 3.23 26.10 9.19
N ILE C 288 3.12 25.63 10.43
CA ILE C 288 2.98 26.54 11.57
C ILE C 288 4.16 27.51 11.65
N ASP C 289 5.38 26.98 11.53
CA ASP C 289 6.56 27.83 11.61
C ASP C 289 6.60 28.87 10.48
N PHE C 290 6.30 28.43 9.26
CA PHE C 290 6.33 29.34 8.12
C PHE C 290 5.33 30.49 8.28
N LEU C 291 4.11 30.15 8.72
CA LEU C 291 3.07 31.16 8.86
C LEU C 291 3.34 32.07 10.05
N SER C 292 4.04 31.54 11.04
CA SER C 292 4.29 32.31 12.26
C SER C 292 5.43 33.31 12.11
N ARG C 293 6.07 33.33 10.94
CA ARG C 293 7.07 34.34 10.63
C ARG C 293 6.38 35.70 10.46
N GLY C 294 5.13 35.68 10.03
CA GLY C 294 4.34 36.89 9.89
C GLY C 294 3.58 37.17 11.18
N ARG C 295 2.93 38.33 11.25
CA ARG C 295 2.18 38.70 12.44
C ARG C 295 1.06 37.71 12.72
N HIS C 296 0.94 37.31 13.98
CA HIS C 296 -0.07 36.35 14.41
C HIS C 296 -0.53 36.63 15.83
N HIS C 297 -1.65 36.02 16.22
CA HIS C 297 -2.21 36.23 17.55
C HIS C 297 -1.25 35.79 18.65
N ALA D 1 -20.00 -24.17 -29.33
CA ALA D 1 -20.50 -22.91 -29.86
C ALA D 1 -19.35 -22.00 -30.30
N GLU D 2 -19.68 -20.98 -31.08
CA GLU D 2 -18.68 -20.05 -31.58
C GLU D 2 -19.02 -18.63 -31.16
N GLU D 3 -18.02 -17.91 -30.67
CA GLU D 3 -18.23 -16.52 -30.28
C GLU D 3 -18.40 -15.61 -31.48
N PHE D 4 -17.77 -15.97 -32.60
CA PHE D 4 -17.83 -15.17 -33.82
C PHE D 4 -18.04 -16.07 -35.03
N PRO D 5 -18.73 -15.56 -36.05
CA PRO D 5 -19.03 -16.38 -37.23
C PRO D 5 -17.77 -16.70 -38.06
N VAL D 6 -17.61 -17.97 -38.39
CA VAL D 6 -16.45 -18.42 -39.16
C VAL D 6 -16.71 -18.22 -40.66
N PRO D 7 -15.71 -17.71 -41.40
CA PRO D 7 -15.86 -17.52 -42.85
C PRO D 7 -16.01 -18.85 -43.57
N ASN D 8 -16.70 -18.84 -44.71
CA ASN D 8 -16.83 -20.03 -45.53
C ASN D 8 -15.44 -20.53 -45.95
N GLY D 9 -15.24 -21.83 -45.88
CA GLY D 9 -13.96 -22.42 -46.24
C GLY D 9 -12.97 -22.43 -45.09
N PHE D 10 -13.38 -21.92 -43.94
CA PHE D 10 -12.52 -21.92 -42.77
C PHE D 10 -13.07 -22.86 -41.70
N GLU D 11 -12.19 -23.34 -40.82
CA GLU D 11 -12.62 -24.17 -39.72
C GLU D 11 -12.16 -23.60 -38.38
N SER D 12 -13.06 -23.65 -37.40
CA SER D 12 -12.74 -23.31 -36.02
C SER D 12 -12.25 -24.58 -35.31
N ALA D 13 -11.07 -24.53 -34.73
CA ALA D 13 -10.49 -25.72 -34.12
C ALA D 13 -9.61 -25.39 -32.93
N TYR D 14 -9.07 -26.43 -32.29
CA TYR D 14 -8.25 -26.26 -31.11
C TYR D 14 -7.02 -27.15 -31.17
N ARG D 15 -5.92 -26.66 -30.62
CA ARG D 15 -4.74 -27.48 -30.42
C ARG D 15 -4.21 -27.26 -29.01
N GLU D 16 -3.78 -28.34 -28.37
CA GLU D 16 -3.11 -28.23 -27.08
C GLU D 16 -1.65 -27.89 -27.34
N VAL D 17 -1.18 -26.83 -26.68
CA VAL D 17 0.22 -26.43 -26.77
C VAL D 17 0.71 -26.26 -25.35
N ASP D 18 1.64 -27.11 -24.93
CA ASP D 18 2.17 -27.04 -23.57
C ASP D 18 1.07 -27.00 -22.52
N GLY D 19 0.05 -27.84 -22.70
CA GLY D 19 -1.00 -28.00 -21.71
C GLY D 19 -2.07 -26.92 -21.74
N VAL D 20 -1.98 -26.04 -22.74
CA VAL D 20 -2.96 -24.98 -22.92
C VAL D 20 -3.76 -25.21 -24.21
N LYS D 21 -5.08 -25.24 -24.10
CA LYS D 21 -5.92 -25.45 -25.27
C LYS D 21 -6.14 -24.12 -26.01
N LEU D 22 -5.51 -23.98 -27.17
CA LEU D 22 -5.61 -22.75 -27.96
C LEU D 22 -6.67 -22.89 -29.04
N HIS D 23 -7.51 -21.86 -29.18
CA HIS D 23 -8.49 -21.79 -30.26
C HIS D 23 -7.91 -21.05 -31.45
N TYR D 24 -8.25 -21.50 -32.65
CA TYR D 24 -7.84 -20.79 -33.86
C TYR D 24 -8.83 -21.04 -34.97
N VAL D 25 -8.76 -20.18 -35.98
CA VAL D 25 -9.56 -20.37 -37.19
C VAL D 25 -8.57 -20.48 -38.35
N LYS D 26 -8.76 -21.51 -39.19
CA LYS D 26 -7.76 -21.85 -40.19
C LYS D 26 -8.41 -22.19 -41.53
N GLY D 27 -7.77 -21.77 -42.62
CA GLY D 27 -8.25 -22.09 -43.95
C GLY D 27 -7.19 -21.78 -44.98
N GLY D 28 -7.39 -22.24 -46.20
CA GLY D 28 -6.49 -21.93 -47.29
C GLY D 28 -5.46 -23.01 -47.53
N GLN D 29 -4.60 -22.77 -48.50
CA GLN D 29 -3.57 -23.73 -48.88
C GLN D 29 -2.32 -22.95 -49.24
N GLY D 30 -1.15 -23.57 -49.04
CA GLY D 30 0.11 -22.91 -49.33
C GLY D 30 0.92 -22.66 -48.08
N PRO D 31 1.98 -21.85 -48.18
CA PRO D 31 2.80 -21.54 -47.00
C PRO D 31 1.96 -20.86 -45.93
N LEU D 32 2.38 -20.98 -44.68
CA LEU D 32 1.58 -20.53 -43.55
C LEU D 32 1.73 -19.04 -43.27
N VAL D 33 0.61 -18.38 -43.02
CA VAL D 33 0.61 -17.03 -42.45
C VAL D 33 -0.20 -17.06 -41.15
N MET D 34 0.39 -16.61 -40.05
CA MET D 34 -0.32 -16.52 -38.78
C MET D 34 -0.67 -15.05 -38.53
N LEU D 35 -1.93 -14.81 -38.16
CA LEU D 35 -2.45 -13.47 -37.89
C LEU D 35 -2.79 -13.41 -36.40
N VAL D 36 -2.20 -12.43 -35.69
CA VAL D 36 -2.36 -12.37 -34.23
C VAL D 36 -3.00 -11.05 -33.80
N HIS D 37 -4.18 -11.17 -33.19
CA HIS D 37 -4.98 -10.05 -32.74
C HIS D 37 -4.45 -9.40 -31.46
N GLY D 38 -5.10 -8.31 -31.04
CA GLY D 38 -4.74 -7.62 -29.82
C GLY D 38 -5.87 -7.39 -28.83
N PHE D 39 -5.64 -6.43 -27.95
CA PHE D 39 -6.58 -6.16 -26.88
C PHE D 39 -7.95 -5.70 -27.37
N GLY D 40 -8.98 -6.17 -26.70
CA GLY D 40 -10.34 -5.78 -26.99
C GLY D 40 -10.94 -6.67 -28.08
N GLN D 41 -10.10 -7.48 -28.70
CA GLN D 41 -10.53 -8.25 -29.87
C GLN D 41 -10.15 -9.72 -29.79
N THR D 42 -10.33 -10.41 -30.91
CA THR D 42 -10.08 -11.85 -30.99
C THR D 42 -9.66 -12.11 -32.43
N TRP D 43 -9.56 -13.38 -32.81
CA TRP D 43 -9.21 -13.75 -34.18
C TRP D 43 -10.11 -13.02 -35.18
N TYR D 44 -11.32 -12.66 -34.74
CA TYR D 44 -12.34 -12.17 -35.66
C TYR D 44 -11.95 -10.87 -36.34
N GLU D 45 -11.05 -10.09 -35.74
CA GLU D 45 -10.66 -8.85 -36.40
C GLU D 45 -10.07 -9.10 -37.79
N TRP D 46 -9.56 -10.32 -38.00
CA TRP D 46 -8.94 -10.68 -39.28
C TRP D 46 -9.89 -11.31 -40.29
N HIS D 47 -11.19 -11.37 -39.98
CA HIS D 47 -12.10 -12.18 -40.79
C HIS D 47 -12.32 -11.67 -42.22
N GLN D 48 -12.04 -10.39 -42.46
CA GLN D 48 -12.12 -9.85 -43.80
C GLN D 48 -10.85 -10.11 -44.61
N LEU D 49 -9.70 -10.09 -43.94
CA LEU D 49 -8.42 -10.36 -44.59
C LEU D 49 -8.28 -11.85 -44.91
N MET D 50 -8.79 -12.70 -44.02
CA MET D 50 -8.56 -14.13 -44.13
C MET D 50 -8.92 -14.79 -45.46
N PRO D 51 -10.15 -14.56 -45.97
CA PRO D 51 -10.53 -15.20 -47.24
C PRO D 51 -9.63 -14.78 -48.40
N GLU D 52 -9.20 -13.53 -48.39
CA GLU D 52 -8.37 -13.03 -49.47
C GLU D 52 -6.98 -13.67 -49.40
N LEU D 53 -6.43 -13.70 -48.20
CA LEU D 53 -5.11 -14.26 -47.99
C LEU D 53 -5.12 -15.75 -48.30
N ALA D 54 -6.25 -16.41 -48.04
CA ALA D 54 -6.38 -17.86 -48.20
C ALA D 54 -6.33 -18.33 -49.65
N LYS D 55 -6.40 -17.39 -50.60
CA LYS D 55 -6.27 -17.73 -52.00
C LYS D 55 -4.83 -18.12 -52.34
N ARG D 56 -3.90 -17.71 -51.49
CA ARG D 56 -2.47 -17.88 -51.76
C ARG D 56 -1.71 -18.57 -50.63
N PHE D 57 -2.28 -18.55 -49.42
CA PHE D 57 -1.61 -19.07 -48.23
C PHE D 57 -2.54 -19.94 -47.40
N THR D 58 -1.95 -20.80 -46.57
CA THR D 58 -2.66 -21.36 -45.43
C THR D 58 -2.66 -20.29 -44.36
N VAL D 59 -3.85 -19.97 -43.84
CA VAL D 59 -4.00 -18.86 -42.89
C VAL D 59 -4.51 -19.37 -41.55
N ILE D 60 -3.82 -19.01 -40.48
CA ILE D 60 -4.26 -19.38 -39.14
C ILE D 60 -4.35 -18.14 -38.28
N ALA D 61 -5.48 -17.98 -37.60
CA ALA D 61 -5.69 -16.84 -36.71
C ALA D 61 -6.08 -17.35 -35.34
N PRO D 62 -5.12 -17.40 -34.41
CA PRO D 62 -5.38 -17.89 -33.06
C PRO D 62 -5.98 -16.82 -32.15
N ASP D 63 -6.71 -17.26 -31.14
CA ASP D 63 -7.06 -16.40 -30.02
C ASP D 63 -5.89 -16.42 -29.03
N LEU D 64 -5.47 -15.24 -28.59
CA LEU D 64 -4.40 -15.15 -27.60
C LEU D 64 -4.81 -15.88 -26.33
N PRO D 65 -3.84 -16.49 -25.63
CA PRO D 65 -4.16 -17.19 -24.38
C PRO D 65 -5.05 -16.36 -23.45
N GLY D 66 -6.13 -16.97 -22.98
CA GLY D 66 -7.05 -16.31 -22.06
C GLY D 66 -8.14 -15.52 -22.74
N LEU D 67 -7.93 -15.17 -24.01
CA LEU D 67 -8.91 -14.37 -24.75
C LEU D 67 -9.61 -15.22 -25.80
N GLY D 68 -10.72 -14.68 -26.33
CA GLY D 68 -11.54 -15.45 -27.24
C GLY D 68 -11.87 -16.79 -26.61
N GLN D 69 -11.60 -17.87 -27.34
CA GLN D 69 -11.90 -19.21 -26.85
C GLN D 69 -10.65 -20.00 -26.46
N SER D 70 -9.53 -19.30 -26.24
CA SER D 70 -8.30 -19.94 -25.82
C SER D 70 -8.17 -19.97 -24.30
N GLU D 71 -7.63 -21.08 -23.77
CA GLU D 71 -7.37 -21.17 -22.34
C GLU D 71 -6.28 -20.19 -21.94
N PRO D 72 -6.31 -19.72 -20.69
CA PRO D 72 -5.22 -18.86 -20.19
C PRO D 72 -3.86 -19.58 -20.24
N PRO D 73 -2.78 -18.80 -20.30
CA PRO D 73 -1.45 -19.41 -20.27
C PRO D 73 -1.21 -20.06 -18.91
N LYS D 74 -0.45 -21.14 -18.89
CA LYS D 74 -0.14 -21.80 -17.63
C LYS D 74 1.21 -21.34 -17.09
N THR D 75 1.99 -20.66 -17.91
CA THR D 75 3.24 -20.07 -17.46
C THR D 75 3.03 -18.63 -16.97
N GLY D 76 2.73 -17.71 -17.89
CA GLY D 76 2.51 -16.32 -17.52
C GLY D 76 2.15 -15.51 -18.75
N TYR D 77 1.98 -14.20 -18.55
CA TYR D 77 1.49 -13.31 -19.60
C TYR D 77 2.57 -12.39 -20.18
N SER D 78 3.83 -12.57 -19.75
CA SER D 78 4.90 -11.80 -20.37
C SER D 78 5.09 -12.19 -21.83
N GLY D 79 5.67 -11.28 -22.61
CA GLY D 79 5.85 -11.53 -24.03
C GLY D 79 6.60 -12.81 -24.32
N GLU D 80 7.68 -13.07 -23.58
CA GLU D 80 8.45 -14.27 -23.84
C GLU D 80 7.66 -15.53 -23.54
N GLN D 81 6.88 -15.51 -22.47
CA GLN D 81 6.07 -16.68 -22.14
C GLN D 81 4.97 -16.95 -23.17
N VAL D 82 4.24 -15.90 -23.54
CA VAL D 82 3.14 -16.08 -24.45
C VAL D 82 3.64 -16.46 -25.85
N ALA D 83 4.77 -15.88 -26.26
CA ALA D 83 5.31 -16.14 -27.59
C ALA D 83 5.63 -17.62 -27.78
N VAL D 84 5.98 -18.33 -26.71
CA VAL D 84 6.25 -19.76 -26.82
C VAL D 84 5.02 -20.50 -27.36
N TYR D 85 3.86 -20.18 -26.81
CA TYR D 85 2.61 -20.83 -27.24
C TYR D 85 2.35 -20.57 -28.72
N LEU D 86 2.51 -19.32 -29.14
CA LEU D 86 2.20 -18.96 -30.52
C LEU D 86 3.22 -19.55 -31.49
N HIS D 87 4.49 -19.57 -31.08
CA HIS D 87 5.54 -20.16 -31.91
C HIS D 87 5.29 -21.65 -32.10
N LYS D 88 5.02 -22.37 -31.01
CA LYS D 88 4.76 -23.81 -31.10
C LYS D 88 3.49 -24.12 -31.87
N LEU D 89 2.45 -23.30 -31.72
CA LEU D 89 1.25 -23.51 -32.52
C LEU D 89 1.59 -23.40 -34.01
N ALA D 90 2.30 -22.35 -34.40
CA ALA D 90 2.63 -22.15 -35.80
C ALA D 90 3.46 -23.31 -36.35
N ARG D 91 4.39 -23.80 -35.54
CA ARG D 91 5.28 -24.87 -35.96
C ARG D 91 4.57 -26.21 -36.12
N GLN D 92 3.45 -26.37 -35.42
CA GLN D 92 2.65 -27.58 -35.63
C GLN D 92 2.14 -27.63 -37.07
N PHE D 93 1.86 -26.47 -37.64
CA PHE D 93 1.28 -26.40 -38.98
C PHE D 93 2.32 -26.12 -40.07
N SER D 94 3.47 -25.57 -39.68
CA SER D 94 4.54 -25.29 -40.63
C SER D 94 5.88 -25.77 -40.06
N PRO D 95 6.03 -27.09 -39.88
CA PRO D 95 7.26 -27.62 -39.27
C PRO D 95 8.49 -27.53 -40.17
N ASP D 96 8.30 -27.50 -41.48
CA ASP D 96 9.40 -27.66 -42.42
C ASP D 96 9.75 -26.41 -43.21
N ARG D 97 8.97 -25.36 -43.03
CA ARG D 97 9.14 -24.12 -43.78
C ARG D 97 9.00 -22.94 -42.84
N PRO D 98 9.69 -21.83 -43.14
CA PRO D 98 9.37 -20.63 -42.36
C PRO D 98 7.94 -20.17 -42.65
N PHE D 99 7.34 -19.45 -41.71
CA PHE D 99 5.99 -18.93 -41.90
C PHE D 99 5.99 -17.41 -41.83
N ASP D 100 4.92 -16.79 -42.32
CA ASP D 100 4.74 -15.35 -42.21
C ASP D 100 3.97 -15.00 -40.95
N LEU D 101 4.24 -13.80 -40.43
CA LEU D 101 3.58 -13.35 -39.22
C LEU D 101 3.02 -11.95 -39.41
N VAL D 102 1.74 -11.79 -39.09
CA VAL D 102 1.09 -10.49 -39.08
C VAL D 102 0.52 -10.30 -37.68
N ALA D 103 0.88 -9.20 -37.03
CA ALA D 103 0.41 -8.94 -35.66
C ALA D 103 -0.05 -7.50 -35.48
N HIS D 104 -1.10 -7.34 -34.68
CA HIS D 104 -1.72 -6.05 -34.38
C HIS D 104 -1.75 -5.85 -32.87
N ASP D 105 -1.46 -4.63 -32.41
CA ASP D 105 -1.65 -4.30 -31.02
C ASP D 105 -0.83 -5.24 -30.11
N ILE D 106 -1.41 -5.76 -29.03
CA ILE D 106 -0.61 -6.61 -28.15
C ILE D 106 -0.20 -7.92 -28.80
N GLY D 107 -0.72 -8.21 -30.00
CA GLY D 107 -0.19 -9.32 -30.76
C GLY D 107 1.29 -9.12 -31.04
N ILE D 108 1.71 -7.86 -31.14
CA ILE D 108 3.14 -7.56 -31.27
C ILE D 108 3.92 -7.97 -30.01
N TRP D 109 3.41 -7.59 -28.84
CA TRP D 109 4.07 -7.90 -27.58
C TRP D 109 4.26 -9.40 -27.42
N ASN D 110 3.26 -10.14 -27.88
CA ASN D 110 3.20 -11.58 -27.69
C ASN D 110 3.87 -12.39 -28.77
N THR D 111 4.45 -11.71 -29.75
CA THR D 111 5.18 -12.42 -30.82
C THR D 111 6.63 -12.01 -30.97
N TYR D 112 6.96 -10.77 -30.60
CA TYR D 112 8.31 -10.28 -30.87
C TYR D 112 9.40 -11.24 -30.34
N PRO D 113 9.27 -11.72 -29.11
CA PRO D 113 10.35 -12.60 -28.63
C PRO D 113 10.54 -13.87 -29.46
N MET D 114 9.47 -14.46 -29.97
CA MET D 114 9.67 -15.67 -30.75
C MET D 114 10.20 -15.36 -32.15
N VAL D 115 9.89 -14.16 -32.64
CA VAL D 115 10.47 -13.71 -33.91
C VAL D 115 11.98 -13.53 -33.80
N VAL D 116 12.43 -12.83 -32.76
CA VAL D 116 13.85 -12.54 -32.64
C VAL D 116 14.67 -13.78 -32.27
N LYS D 117 14.05 -14.71 -31.53
CA LYS D 117 14.75 -15.93 -31.10
C LYS D 117 14.69 -17.07 -32.11
N ASN D 118 13.81 -16.97 -33.10
CA ASN D 118 13.67 -18.01 -34.13
C ASN D 118 13.58 -17.40 -35.51
N GLN D 119 14.55 -16.56 -35.87
CA GLN D 119 14.46 -15.82 -37.12
C GLN D 119 14.36 -16.71 -38.36
N ALA D 120 15.02 -17.87 -38.32
CA ALA D 120 14.96 -18.80 -39.46
C ALA D 120 13.53 -19.31 -39.71
N ASP D 121 12.68 -19.22 -38.68
CA ASP D 121 11.30 -19.68 -38.78
C ASP D 121 10.35 -18.62 -39.34
N ILE D 122 10.81 -17.39 -39.48
CA ILE D 122 9.92 -16.30 -39.88
C ILE D 122 10.30 -15.76 -41.26
N ALA D 123 9.46 -16.03 -42.26
CA ALA D 123 9.81 -15.60 -43.60
C ALA D 123 9.65 -14.08 -43.77
N ARG D 124 8.46 -13.57 -43.49
CA ARG D 124 8.16 -12.15 -43.61
C ARG D 124 7.33 -11.69 -42.42
N LEU D 125 7.49 -10.44 -42.02
CA LEU D 125 6.90 -9.94 -40.79
C LEU D 125 6.10 -8.66 -41.05
N VAL D 126 4.86 -8.62 -40.57
CA VAL D 126 4.06 -7.39 -40.64
C VAL D 126 3.57 -7.03 -39.23
N TYR D 127 3.96 -5.85 -38.76
CA TYR D 127 3.56 -5.36 -37.45
C TYR D 127 2.77 -4.07 -37.62
N MET D 128 1.62 -3.98 -36.93
CA MET D 128 0.79 -2.77 -37.04
C MET D 128 0.25 -2.30 -35.69
N GLU D 129 0.29 -0.99 -35.48
CA GLU D 129 -0.46 -0.34 -34.41
C GLU D 129 -0.20 -0.86 -32.99
N ALA D 130 1.06 -0.81 -32.59
CA ALA D 130 1.46 -0.96 -31.19
C ALA D 130 2.97 -0.86 -31.06
N PRO D 131 3.44 -0.28 -29.96
CA PRO D 131 4.88 -0.32 -29.73
C PRO D 131 5.36 -1.73 -29.38
N ILE D 132 6.53 -2.11 -29.87
CA ILE D 132 7.25 -3.23 -29.24
C ILE D 132 7.59 -2.75 -27.83
N PRO D 133 7.36 -3.59 -26.80
CA PRO D 133 7.64 -3.10 -25.44
C PRO D 133 9.14 -2.78 -25.25
N ASP D 134 9.41 -1.50 -25.06
CA ASP D 134 10.76 -1.02 -24.74
C ASP D 134 10.63 0.32 -24.04
N ALA D 135 11.75 0.95 -23.74
CA ALA D 135 11.70 2.18 -22.93
C ALA D 135 10.93 3.31 -23.60
N ARG D 136 10.70 3.22 -24.90
CA ARG D 136 9.94 4.26 -25.58
C ARG D 136 8.54 4.40 -25.00
N ILE D 137 8.01 3.33 -24.42
CA ILE D 137 6.64 3.42 -23.90
C ILE D 137 6.52 4.37 -22.71
N TYR D 138 7.63 4.63 -22.04
CA TYR D 138 7.61 5.51 -20.86
C TYR D 138 7.61 6.98 -21.24
N ARG D 139 7.67 7.28 -22.54
CA ARG D 139 7.66 8.66 -23.02
C ARG D 139 6.26 9.13 -23.43
N PHE D 140 5.31 8.21 -23.58
CA PHE D 140 3.95 8.60 -23.93
C PHE D 140 3.34 9.42 -22.78
N PRO D 141 2.63 10.49 -23.10
CA PRO D 141 2.10 11.35 -22.04
C PRO D 141 0.84 10.81 -21.36
N ALA D 142 0.68 11.18 -20.09
CA ALA D 142 -0.50 10.85 -19.30
C ALA D 142 -1.73 11.63 -19.73
N PHE D 143 -1.53 12.79 -20.34
CA PHE D 143 -2.64 13.71 -20.60
C PHE D 143 -2.24 14.59 -21.78
N THR D 144 -3.22 15.10 -22.52
CA THR D 144 -2.94 16.01 -23.63
C THR D 144 -3.83 17.25 -23.55
N ALA D 145 -3.42 18.29 -24.27
CA ALA D 145 -4.16 19.54 -24.34
C ALA D 145 -5.52 19.39 -25.01
N GLN D 146 -5.78 18.22 -25.61
CA GLN D 146 -7.06 17.94 -26.26
C GLN D 146 -7.93 16.99 -25.45
N GLY D 147 -7.41 16.50 -24.33
CA GLY D 147 -8.12 15.52 -23.54
C GLY D 147 -7.33 14.25 -23.32
N GLU D 148 -8.03 13.12 -23.20
CA GLU D 148 -7.36 11.87 -22.84
C GLU D 148 -6.27 11.48 -23.85
N SER D 149 -5.17 10.97 -23.31
CA SER D 149 -4.05 10.54 -24.12
C SER D 149 -4.27 9.14 -24.68
N LEU D 150 -3.36 8.71 -25.55
CA LEU D 150 -3.49 7.42 -26.21
C LEU D 150 -3.33 6.21 -25.30
N VAL D 151 -2.38 6.25 -24.37
CA VAL D 151 -2.05 5.04 -23.62
C VAL D 151 -2.12 5.16 -22.10
N TRP D 152 -2.96 6.05 -21.59
CA TRP D 152 -3.16 6.10 -20.14
C TRP D 152 -3.68 4.76 -19.61
N HIS D 153 -4.34 4.00 -20.47
CA HIS D 153 -4.84 2.70 -20.06
C HIS D 153 -3.73 1.74 -19.69
N PHE D 154 -2.49 1.98 -20.13
CA PHE D 154 -1.40 1.12 -19.68
C PHE D 154 -1.37 1.10 -18.14
N SER D 155 -1.48 2.27 -17.53
CA SER D 155 -1.50 2.36 -16.06
C SER D 155 -2.78 1.79 -15.46
N PHE D 156 -3.91 2.10 -16.07
CA PHE D 156 -5.19 1.63 -15.55
C PHE D 156 -5.22 0.11 -15.51
N PHE D 157 -4.81 -0.51 -16.62
CA PHE D 157 -4.86 -1.96 -16.74
C PHE D 157 -3.75 -2.65 -15.91
N ALA D 158 -2.60 -2.00 -15.77
CA ALA D 158 -1.49 -2.61 -15.00
C ALA D 158 -1.67 -2.48 -13.49
N ALA D 159 -2.55 -1.57 -13.07
CA ALA D 159 -2.76 -1.31 -11.66
C ALA D 159 -3.15 -2.59 -10.91
N ASP D 160 -2.76 -2.64 -9.65
CA ASP D 160 -3.11 -3.78 -8.81
C ASP D 160 -4.52 -3.65 -8.21
N ASP D 161 -4.80 -4.48 -7.22
CA ASP D 161 -6.12 -4.56 -6.60
C ASP D 161 -7.21 -4.94 -7.60
N ARG D 162 -6.83 -5.52 -8.74
CA ARG D 162 -7.78 -5.79 -9.81
C ARG D 162 -8.62 -4.54 -10.09
N LEU D 163 -7.94 -3.41 -10.14
CA LEU D 163 -8.60 -2.14 -10.38
C LEU D 163 -9.47 -2.19 -11.63
N ALA D 164 -8.89 -2.60 -12.76
CA ALA D 164 -9.65 -2.61 -14.01
C ALA D 164 -10.82 -3.60 -14.02
N GLU D 165 -10.60 -4.84 -13.58
CA GLU D 165 -11.71 -5.80 -13.58
C GLU D 165 -12.82 -5.30 -12.66
N THR D 166 -12.45 -4.72 -11.53
CA THR D 166 -13.45 -4.35 -10.55
C THR D 166 -14.31 -3.20 -11.07
N LEU D 167 -13.68 -2.23 -11.74
CA LEU D 167 -14.43 -1.08 -12.26
C LEU D 167 -15.20 -1.43 -13.52
N ILE D 168 -14.65 -2.32 -14.35
CA ILE D 168 -15.24 -2.62 -15.66
C ILE D 168 -16.29 -3.73 -15.62
N ALA D 169 -16.18 -4.67 -14.69
CA ALA D 169 -17.19 -5.72 -14.59
C ALA D 169 -18.61 -5.12 -14.46
N GLY D 170 -19.53 -5.63 -15.26
CA GLY D 170 -20.90 -5.12 -15.29
C GLY D 170 -21.07 -3.98 -16.27
N LYS D 171 -19.95 -3.44 -16.75
CA LYS D 171 -19.96 -2.33 -17.69
CA LYS D 171 -19.96 -2.33 -17.69
C LYS D 171 -19.00 -2.60 -18.84
N GLU D 172 -18.84 -3.87 -19.18
CA GLU D 172 -17.86 -4.27 -20.20
C GLU D 172 -18.16 -3.68 -21.57
N ARG D 173 -19.43 -3.68 -21.96
CA ARG D 173 -19.83 -3.16 -23.26
C ARG D 173 -19.64 -1.65 -23.32
N PHE D 174 -20.07 -0.95 -22.27
CA PHE D 174 -19.85 0.49 -22.18
C PHE D 174 -18.37 0.84 -22.28
N PHE D 175 -17.53 0.16 -21.49
CA PHE D 175 -16.12 0.48 -21.52
C PHE D 175 -15.48 0.21 -22.90
N LEU D 176 -15.78 -0.96 -23.46
CA LEU D 176 -15.16 -1.34 -24.71
C LEU D 176 -15.56 -0.41 -25.85
N GLU D 177 -16.83 0.00 -25.88
CA GLU D 177 -17.25 0.97 -26.89
C GLU D 177 -16.46 2.28 -26.73
N HIS D 178 -16.33 2.77 -25.51
CA HIS D 178 -15.57 4.00 -25.31
C HIS D 178 -14.13 3.83 -25.75
N PHE D 179 -13.51 2.73 -25.33
CA PHE D 179 -12.12 2.47 -25.65
C PHE D 179 -11.89 2.34 -27.15
N ILE D 180 -12.74 1.59 -27.82
CA ILE D 180 -12.57 1.43 -29.26
C ILE D 180 -12.74 2.76 -29.96
N LYS D 181 -13.82 3.47 -29.64
CA LYS D 181 -14.09 4.72 -30.34
C LYS D 181 -13.04 5.82 -30.04
N SER D 182 -12.51 5.84 -28.82
CA SER D 182 -11.47 6.82 -28.48
C SER D 182 -10.16 6.58 -29.22
N HIS D 183 -9.99 5.37 -29.75
CA HIS D 183 -8.79 5.01 -30.52
C HIS D 183 -9.09 4.86 -32.01
N ALA D 184 -10.27 5.29 -32.44
CA ALA D 184 -10.69 5.16 -33.83
C ALA D 184 -10.83 6.50 -34.54
N SER D 185 -10.62 6.47 -35.85
CA SER D 185 -11.01 7.58 -36.72
C SER D 185 -12.36 7.26 -37.32
N ASN D 186 -12.54 6.02 -37.74
CA ASN D 186 -13.76 5.60 -38.41
C ASN D 186 -14.59 4.75 -37.47
N THR D 187 -15.43 5.40 -36.68
CA THR D 187 -16.20 4.70 -35.66
C THR D 187 -17.40 3.96 -36.24
N GLU D 188 -17.85 4.40 -37.41
CA GLU D 188 -19.04 3.81 -38.02
C GLU D 188 -18.89 2.31 -38.30
N VAL D 189 -17.66 1.82 -38.46
CA VAL D 189 -17.44 0.42 -38.77
C VAL D 189 -17.75 -0.47 -37.57
N PHE D 190 -17.83 0.15 -36.40
CA PHE D 190 -18.16 -0.58 -35.17
C PHE D 190 -19.64 -0.54 -34.84
N SER D 191 -20.38 -1.42 -35.52
CA SER D 191 -21.82 -1.53 -35.35
C SER D 191 -22.18 -2.05 -33.96
N GLU D 192 -23.45 -1.91 -33.59
CA GLU D 192 -23.92 -2.42 -32.32
C GLU D 192 -23.66 -3.91 -32.21
N ARG D 193 -23.91 -4.64 -33.30
CA ARG D 193 -23.68 -6.08 -33.33
C ARG D 193 -22.22 -6.43 -33.08
N LEU D 194 -21.32 -5.77 -33.81
CA LEU D 194 -19.89 -6.05 -33.68
C LEU D 194 -19.39 -5.77 -32.26
N LEU D 195 -19.81 -4.63 -31.72
CA LEU D 195 -19.43 -4.29 -30.35
C LEU D 195 -20.00 -5.29 -29.35
N ASP D 196 -21.24 -5.74 -29.58
CA ASP D 196 -21.85 -6.76 -28.75
C ASP D 196 -21.00 -8.02 -28.72
N LEU D 197 -20.57 -8.47 -29.90
CA LEU D 197 -19.77 -9.69 -30.00
C LEU D 197 -18.44 -9.57 -29.27
N TYR D 198 -17.73 -8.47 -29.47
CA TYR D 198 -16.45 -8.30 -28.79
C TYR D 198 -16.63 -8.16 -27.29
N ALA D 199 -17.66 -7.42 -26.87
CA ALA D 199 -17.88 -7.20 -25.45
C ALA D 199 -18.22 -8.51 -24.75
N ARG D 200 -19.06 -9.31 -25.37
CA ARG D 200 -19.42 -10.59 -24.77
C ARG D 200 -18.20 -11.47 -24.55
N SER D 201 -17.29 -11.46 -25.54
CA SER D 201 -16.11 -12.32 -25.44
C SER D 201 -15.20 -11.90 -24.29
N TYR D 202 -14.83 -10.62 -24.25
CA TYR D 202 -13.86 -10.20 -23.23
C TYR D 202 -14.49 -10.06 -21.84
N ALA D 203 -15.83 -10.12 -21.77
CA ALA D 203 -16.51 -10.04 -20.49
C ALA D 203 -16.50 -11.36 -19.73
N LYS D 204 -16.18 -12.47 -20.40
CA LYS D 204 -15.98 -13.72 -19.67
C LYS D 204 -14.98 -13.41 -18.56
N PRO D 205 -15.32 -13.75 -17.31
CA PRO D 205 -14.42 -13.34 -16.23
C PRO D 205 -12.94 -13.67 -16.48
N HIS D 206 -12.64 -14.87 -16.96
CA HIS D 206 -11.23 -15.21 -17.15
C HIS D 206 -10.59 -14.41 -18.29
N SER D 207 -11.40 -13.96 -19.24
CA SER D 207 -10.89 -13.18 -20.35
C SER D 207 -10.73 -11.71 -19.97
N LEU D 208 -11.59 -11.22 -19.09
CA LEU D 208 -11.47 -9.85 -18.62
C LEU D 208 -10.16 -9.75 -17.84
N ASN D 209 -9.92 -10.72 -16.95
CA ASN D 209 -8.67 -10.74 -16.23
C ASN D 209 -7.47 -10.95 -17.15
N ALA D 210 -7.57 -11.91 -18.07
CA ALA D 210 -6.46 -12.17 -18.97
C ALA D 210 -6.07 -10.89 -19.71
N SER D 211 -7.07 -10.14 -20.16
CA SER D 211 -6.85 -8.90 -20.90
C SER D 211 -5.87 -8.01 -20.15
N PHE D 212 -6.10 -7.86 -18.86
CA PHE D 212 -5.30 -6.92 -18.09
C PHE D 212 -3.97 -7.51 -17.63
N GLU D 213 -3.92 -8.83 -17.50
CA GLU D 213 -2.65 -9.48 -17.14
C GLU D 213 -1.58 -9.24 -18.20
N TYR D 214 -1.95 -9.08 -19.46
CA TYR D 214 -0.96 -8.71 -20.47
C TYR D 214 -0.30 -7.38 -20.10
N PHE D 215 -1.09 -6.46 -19.57
CA PHE D 215 -0.55 -5.15 -19.17
C PHE D 215 0.21 -5.19 -17.85
N ARG D 216 -0.24 -6.06 -16.93
CA ARG D 216 0.48 -6.25 -15.68
C ARG D 216 1.85 -6.88 -15.89
N ALA D 217 2.05 -7.51 -17.05
CA ALA D 217 3.35 -8.09 -17.42
C ALA D 217 4.17 -7.18 -18.34
N LEU D 218 3.65 -6.00 -18.65
CA LEU D 218 4.29 -5.14 -19.65
C LEU D 218 5.71 -4.73 -19.26
N ASN D 219 5.90 -4.33 -18.00
CA ASN D 219 7.23 -3.92 -17.58
C ASN D 219 8.20 -5.09 -17.64
N GLU D 220 7.72 -6.28 -17.27
CA GLU D 220 8.54 -7.48 -17.40
C GLU D 220 8.89 -7.74 -18.86
N SER D 221 7.92 -7.54 -19.75
CA SER D 221 8.18 -7.69 -21.18
C SER D 221 9.22 -6.69 -21.67
N VAL D 222 9.14 -5.45 -21.20
CA VAL D 222 10.15 -4.45 -21.53
C VAL D 222 11.53 -4.94 -21.10
N ARG D 223 11.62 -5.45 -19.87
CA ARG D 223 12.90 -5.93 -19.38
C ARG D 223 13.43 -7.10 -20.20
N GLN D 224 12.53 -8.02 -20.56
CA GLN D 224 12.90 -9.16 -21.41
C GLN D 224 13.44 -8.68 -22.74
N ASN D 225 12.74 -7.71 -23.34
CA ASN D 225 13.10 -7.26 -24.68
C ASN D 225 14.41 -6.46 -24.70
N ALA D 226 14.78 -5.90 -23.56
CA ALA D 226 16.03 -5.15 -23.51
C ALA D 226 17.21 -6.06 -23.85
N GLU D 227 17.13 -7.31 -23.43
CA GLU D 227 18.16 -8.29 -23.75
CA GLU D 227 18.16 -8.31 -23.74
C GLU D 227 17.98 -8.86 -25.15
N LEU D 228 16.75 -9.19 -25.50
CA LEU D 228 16.45 -9.77 -26.81
C LEU D 228 16.86 -8.85 -27.97
N ALA D 229 16.67 -7.55 -27.80
CA ALA D 229 16.92 -6.58 -28.87
C ALA D 229 18.39 -6.41 -29.24
N LYS D 230 19.28 -7.09 -28.52
CA LYS D 230 20.69 -7.06 -28.87
C LYS D 230 20.91 -7.75 -30.22
N THR D 231 19.94 -8.54 -30.63
CA THR D 231 19.94 -9.19 -31.93
C THR D 231 18.91 -8.54 -32.84
N ARG D 232 19.36 -7.93 -33.93
CA ARG D 232 18.48 -7.25 -34.87
C ARG D 232 17.70 -8.25 -35.72
N LEU D 233 16.49 -7.85 -36.14
CA LEU D 233 15.68 -8.67 -37.03
C LEU D 233 16.17 -8.56 -38.46
N GLN D 234 16.31 -9.71 -39.14
CA GLN D 234 16.89 -9.74 -40.48
C GLN D 234 15.90 -10.02 -41.60
N MET D 235 14.68 -10.45 -41.27
CA MET D 235 13.72 -10.81 -42.30
C MET D 235 13.00 -9.57 -42.84
N PRO D 236 12.48 -9.67 -44.07
CA PRO D 236 11.72 -8.54 -44.61
C PRO D 236 10.54 -8.19 -43.72
N THR D 237 10.41 -6.90 -43.39
CA THR D 237 9.40 -6.44 -42.45
C THR D 237 8.64 -5.25 -43.02
N MET D 238 7.35 -5.20 -42.73
CA MET D 238 6.54 -4.04 -43.06
C MET D 238 5.80 -3.57 -41.82
N THR D 239 5.78 -2.26 -41.60
CA THR D 239 4.93 -1.71 -40.55
C THR D 239 3.77 -0.94 -41.14
N LEU D 240 2.64 -1.01 -40.45
CA LEU D 240 1.47 -0.19 -40.77
C LEU D 240 1.00 0.57 -39.53
N ALA D 241 0.51 1.79 -39.75
CA ALA D 241 -0.03 2.59 -38.67
C ALA D 241 -1.10 3.52 -39.21
N GLY D 242 -2.05 3.87 -38.35
CA GLY D 242 -3.06 4.86 -38.70
C GLY D 242 -2.52 6.26 -38.57
N GLY D 243 -2.86 7.11 -39.54
CA GLY D 243 -2.45 8.50 -39.54
C GLY D 243 -3.52 9.43 -38.96
N GLY D 244 -4.68 8.84 -38.65
CA GLY D 244 -5.78 9.61 -38.12
C GLY D 244 -5.88 9.54 -36.60
N HIS D 245 -6.96 10.11 -36.07
CA HIS D 245 -7.21 10.08 -34.64
C HIS D 245 -7.16 8.64 -34.13
N GLY D 246 -6.41 8.44 -33.04
CA GLY D 246 -6.30 7.12 -32.44
C GLY D 246 -5.11 6.32 -32.90
N GLY D 247 -4.46 6.75 -33.99
CA GLY D 247 -3.36 5.98 -34.56
C GLY D 247 -1.99 6.32 -34.02
N MET D 248 -1.01 5.49 -34.35
CA MET D 248 0.38 5.66 -33.90
C MET D 248 1.21 6.55 -34.82
N GLY D 249 0.72 6.79 -36.03
CA GLY D 249 1.44 7.62 -36.98
C GLY D 249 2.86 7.12 -37.25
N THR D 250 3.81 8.06 -37.26
CA THR D 250 5.18 7.75 -37.64
C THR D 250 5.94 6.91 -36.61
N PHE D 251 5.37 6.78 -35.42
CA PHE D 251 6.07 6.06 -34.37
C PHE D 251 6.36 4.60 -34.76
N GLN D 252 5.42 3.96 -35.44
CA GLN D 252 5.53 2.53 -35.71
C GLN D 252 6.79 2.23 -36.52
N LEU D 253 6.94 2.93 -37.64
CA LEU D 253 8.10 2.71 -38.50
C LEU D 253 9.38 3.18 -37.81
N GLU D 254 9.32 4.33 -37.15
CA GLU D 254 10.53 4.86 -36.54
C GLU D 254 11.09 3.93 -35.47
N GLN D 255 10.20 3.34 -34.67
CA GLN D 255 10.67 2.36 -33.69
C GLN D 255 11.23 1.14 -34.40
N MET D 256 10.52 0.66 -35.43
CA MET D 256 10.92 -0.58 -36.08
C MET D 256 12.29 -0.46 -36.75
N LYS D 257 12.65 0.75 -37.17
CA LYS D 257 13.96 0.97 -37.77
C LYS D 257 15.09 0.62 -36.80
N ALA D 258 14.82 0.73 -35.50
CA ALA D 258 15.82 0.41 -34.49
C ALA D 258 15.94 -1.10 -34.31
N TYR D 259 14.94 -1.85 -34.77
CA TYR D 259 14.87 -3.29 -34.57
C TYR D 259 15.20 -4.12 -35.81
N ALA D 260 14.89 -3.58 -36.99
CA ALA D 260 14.94 -4.38 -38.21
C ALA D 260 15.79 -3.74 -39.28
N GLU D 261 16.63 -4.57 -39.92
CA GLU D 261 17.52 -4.12 -40.99
C GLU D 261 16.76 -3.80 -42.28
N ASP D 262 15.70 -4.55 -42.53
CA ASP D 262 14.98 -4.51 -43.79
C ASP D 262 13.51 -4.20 -43.53
N VAL D 263 13.18 -2.92 -43.48
CA VAL D 263 11.81 -2.54 -43.12
C VAL D 263 11.28 -1.42 -44.01
N GLU D 264 10.02 -1.56 -44.39
CA GLU D 264 9.30 -0.49 -45.07
C GLU D 264 8.05 -0.24 -44.26
N GLY D 265 7.55 0.99 -44.30
CA GLY D 265 6.40 1.34 -43.50
C GLY D 265 5.41 2.17 -44.26
N HIS D 266 4.15 2.12 -43.81
CA HIS D 266 3.13 3.00 -44.32
C HIS D 266 2.29 3.54 -43.20
N VAL D 267 1.93 4.81 -43.34
CA VAL D 267 0.95 5.46 -42.48
C VAL D 267 -0.30 5.68 -43.32
N LEU D 268 -1.45 5.24 -42.81
CA LEU D 268 -2.71 5.32 -43.56
C LEU D 268 -3.53 6.52 -43.11
N PRO D 269 -3.60 7.56 -43.93
CA PRO D 269 -4.36 8.75 -43.54
C PRO D 269 -5.84 8.40 -43.39
N GLY D 270 -6.52 9.03 -42.44
CA GLY D 270 -7.95 8.80 -42.27
C GLY D 270 -8.30 7.53 -41.51
N CYS D 271 -7.31 6.92 -40.87
CA CYS D 271 -7.47 5.64 -40.17
C CYS D 271 -6.88 5.74 -38.79
N GLY D 272 -7.56 5.16 -37.80
CA GLY D 272 -7.06 5.16 -36.43
C GLY D 272 -6.33 3.87 -36.08
N HIS D 273 -6.56 3.39 -34.86
CA HIS D 273 -5.87 2.22 -34.36
C HIS D 273 -6.31 0.88 -34.96
N TRP D 274 -7.59 0.77 -35.28
CA TRP D 274 -8.19 -0.53 -35.60
C TRP D 274 -8.13 -0.79 -37.09
N LEU D 275 -6.93 -0.87 -37.62
CA LEU D 275 -6.74 -0.91 -39.07
C LEU D 275 -7.55 -1.96 -39.82
N PRO D 276 -7.60 -3.22 -39.32
CA PRO D 276 -8.34 -4.23 -40.10
C PRO D 276 -9.81 -3.90 -40.30
N GLU D 277 -10.40 -3.17 -39.36
CA GLU D 277 -11.82 -2.82 -39.44
C GLU D 277 -12.05 -1.41 -39.99
N GLU D 278 -11.26 -0.45 -39.52
CA GLU D 278 -11.42 0.94 -39.96
C GLU D 278 -11.02 1.16 -41.40
N CYS D 279 -10.00 0.44 -41.85
CA CYS D 279 -9.44 0.64 -43.18
C CYS D 279 -9.07 -0.69 -43.84
N ALA D 280 -10.08 -1.56 -43.91
CA ALA D 280 -9.89 -2.94 -44.34
C ALA D 280 -9.29 -3.03 -45.73
N ALA D 281 -9.85 -2.29 -46.69
CA ALA D 281 -9.42 -2.48 -48.07
C ALA D 281 -7.95 -2.12 -48.29
N PRO D 282 -7.54 -0.91 -47.91
CA PRO D 282 -6.12 -0.60 -48.12
C PRO D 282 -5.18 -1.39 -47.23
N MET D 283 -5.57 -1.66 -45.99
CA MET D 283 -4.73 -2.50 -45.15
C MET D 283 -4.56 -3.90 -45.76
N ASN D 284 -5.66 -4.50 -46.20
CA ASN D 284 -5.62 -5.85 -46.76
C ASN D 284 -4.71 -5.85 -47.98
N ARG D 285 -4.88 -4.85 -48.84
CA ARG D 285 -4.07 -4.73 -50.05
C ARG D 285 -2.59 -4.68 -49.73
N LEU D 286 -2.21 -3.83 -48.77
CA LEU D 286 -0.81 -3.67 -48.43
C LEU D 286 -0.22 -4.96 -47.87
N VAL D 287 -0.98 -5.64 -47.01
CA VAL D 287 -0.53 -6.91 -46.44
C VAL D 287 -0.40 -7.99 -47.52
N ILE D 288 -1.45 -8.14 -48.33
CA ILE D 288 -1.44 -9.15 -49.37
C ILE D 288 -0.26 -8.98 -50.33
N ASP D 289 -0.07 -7.75 -50.81
CA ASP D 289 1.03 -7.48 -51.72
C ASP D 289 2.39 -7.71 -51.09
N PHE D 290 2.56 -7.29 -49.84
CA PHE D 290 3.84 -7.46 -49.18
C PHE D 290 4.21 -8.94 -49.00
N LEU D 291 3.23 -9.74 -48.59
CA LEU D 291 3.46 -11.17 -48.40
C LEU D 291 3.58 -11.94 -49.71
N SER D 292 2.98 -11.42 -50.78
CA SER D 292 2.98 -12.11 -52.06
C SER D 292 4.26 -11.89 -52.86
N ARG D 293 5.16 -11.07 -52.33
CA ARG D 293 6.49 -10.91 -52.90
C ARG D 293 7.29 -12.19 -52.69
N GLY D 294 6.92 -12.96 -51.66
CA GLY D 294 7.55 -14.23 -51.38
C GLY D 294 6.84 -15.37 -52.08
N ARG D 295 7.45 -16.56 -52.06
CA ARG D 295 6.86 -17.71 -52.72
C ARG D 295 5.58 -18.17 -52.00
N HIS D 296 4.47 -18.13 -52.72
CA HIS D 296 3.17 -18.52 -52.16
C HIS D 296 2.45 -19.56 -53.00
C1 GOL E . 13.21 -8.43 8.99
O1 GOL E . 14.03 -9.58 8.91
C2 GOL E . 12.63 -8.11 7.62
O2 GOL E . 13.64 -7.53 6.81
C3 GOL E . 11.47 -7.13 7.79
O3 GOL E . 11.24 -6.45 6.57
C1 GOL F . -2.50 -1.12 26.20
O1 GOL F . -2.65 -2.37 25.57
C2 GOL F . -1.38 -1.24 27.21
O2 GOL F . -0.21 -1.68 26.55
C3 GOL F . -1.12 0.14 27.82
O3 GOL F . -0.28 -0.02 28.94
C1 GOL G . -1.34 13.40 -8.13
O1 GOL G . -0.49 12.91 -7.12
C2 GOL G . -1.55 14.90 -7.95
O2 GOL G . -0.52 15.48 -7.19
C3 GOL G . -1.60 15.56 -9.33
O3 GOL G . -2.04 16.90 -9.19
C1 GOL H . -0.69 0.32 -27.70
O1 GOL H . -1.67 -0.63 -27.36
C2 GOL H . -1.31 1.48 -28.49
O2 GOL H . -1.27 1.18 -29.86
C3 GOL H . -2.76 1.70 -28.06
O3 GOL H . -3.36 2.66 -28.90
#